data_8WBT
#
_entry.id   8WBT
#
_cell.length_a   119.620
_cell.length_b   93.150
_cell.length_c   101.640
_cell.angle_alpha   90.00
_cell.angle_beta   90.00
_cell.angle_gamma   90.00
#
_symmetry.space_group_name_H-M   'P 21 21 2'
#
loop_
_entity.id
_entity.type
_entity.pdbx_description
1 polymer '(S)-2-haloacid dehalogenase'
2 non-polymer 'L(+)-TARTARIC ACID'
3 non-polymer GLYCEROL
4 non-polymer 'CALCIUM ION'
5 water water
#
_entity_poly.entity_id   1
_entity_poly.type   'polypeptide(L)'
_entity_poly.pdbx_seq_one_letter_code
;MGLKALFFNVQGTLVDFYSTITREGEAFSAVRGFQADWTTVTEQWRAEYRSRLDQVIKGERPWTTTDRIYREALDGILAN
HPWGASLNSADRDELNSLWSKLIPWDDTAPGLARLRSKYITSTLSNGSMASVLRISKLGALPFDAILTAELVRSSKPDPK
VYQLALDSVGIEAHQAMMVACHKYDLQAAKRLGFKVAFIARPFEFGPNKKVDTKPEQYFDYYANSVVELAGMLGALEHHH
HHH
;
_entity_poly.pdbx_strand_id   A,B,C,D
#
loop_
_chem_comp.id
_chem_comp.type
_chem_comp.name
_chem_comp.formula
CA non-polymer 'CALCIUM ION' 'Ca 2'
GOL non-polymer GLYCEROL 'C3 H8 O3'
TLA non-polymer 'L(+)-TARTARIC ACID' 'C4 H6 O6'
#
# COMPACT_ATOMS: atom_id res chain seq x y z
N MET A 1 -40.14 -16.93 11.29
CA MET A 1 -40.71 -16.18 10.18
C MET A 1 -41.48 -14.94 10.65
N GLY A 2 -41.63 -14.79 11.96
CA GLY A 2 -42.10 -13.53 12.52
C GLY A 2 -41.01 -12.48 12.40
N LEU A 3 -41.25 -11.37 13.08
CA LEU A 3 -40.29 -10.26 13.11
C LEU A 3 -39.06 -10.64 13.93
N LYS A 4 -37.87 -10.48 13.36
CA LYS A 4 -36.65 -10.90 14.02
C LYS A 4 -35.69 -9.75 14.34
N ALA A 5 -35.71 -8.68 13.57
CA ALA A 5 -34.73 -7.62 13.72
C ALA A 5 -35.38 -6.29 13.41
N LEU A 6 -35.03 -5.26 14.18
CA LEU A 6 -35.46 -3.88 13.98
C LEU A 6 -34.25 -3.04 13.63
N PHE A 7 -34.40 -2.19 12.61
CA PHE A 7 -33.32 -1.29 12.18
C PHE A 7 -33.80 0.15 12.35
N PHE A 8 -32.96 0.97 12.99
CA PHE A 8 -33.37 2.31 13.42
C PHE A 8 -32.60 3.37 12.65
N ASN A 9 -33.35 4.29 12.03
CA ASN A 9 -32.79 5.58 11.69
C ASN A 9 -32.35 6.30 12.98
N VAL A 10 -31.46 7.27 12.85
CA VAL A 10 -30.84 7.86 14.04
C VAL A 10 -31.25 9.33 14.24
N GLN A 11 -30.80 10.23 13.36
CA GLN A 11 -31.08 11.65 13.51
C GLN A 11 -32.58 11.90 13.50
N GLY A 12 -33.08 12.61 14.51
CA GLY A 12 -34.52 12.83 14.62
C GLY A 12 -35.26 11.62 15.14
N THR A 13 -35.07 10.47 14.50
CA THR A 13 -35.79 9.28 14.92
C THR A 13 -35.47 8.92 16.37
N LEU A 14 -34.18 8.89 16.72
CA LEU A 14 -33.72 8.55 18.06
C LEU A 14 -33.10 9.70 18.83
N VAL A 15 -32.55 10.72 18.15
CA VAL A 15 -31.78 11.75 18.83
C VAL A 15 -32.28 13.12 18.39
N ASP A 16 -32.27 14.07 19.33
CA ASP A 16 -32.74 15.44 19.15
C ASP A 16 -31.55 16.29 18.74
N PHE A 17 -31.26 16.31 17.43
CA PHE A 17 -30.15 17.10 16.93
C PHE A 17 -30.39 18.60 17.14
N TYR A 18 -31.63 19.05 16.96
CA TYR A 18 -31.91 20.48 17.12
C TYR A 18 -31.49 20.98 18.49
N SER A 19 -31.90 20.29 19.57
CA SER A 19 -31.52 20.76 20.89
C SER A 19 -30.02 20.62 21.13
N THR A 20 -29.37 19.65 20.49
CA THR A 20 -27.92 19.48 20.69
C THR A 20 -27.16 20.67 20.12
N ILE A 21 -27.44 21.02 18.87
CA ILE A 21 -26.67 22.09 18.22
C ILE A 21 -26.99 23.43 18.86
N THR A 22 -28.28 23.70 19.11
CA THR A 22 -28.65 25.01 19.62
C THR A 22 -28.16 25.22 21.05
N ARG A 23 -28.40 24.25 21.95
CA ARG A 23 -28.01 24.46 23.33
C ARG A 23 -26.50 24.50 23.48
N GLU A 24 -25.77 23.63 22.76
CA GLU A 24 -24.31 23.65 22.89
C GLU A 24 -23.72 24.81 22.11
N GLY A 25 -24.32 25.14 20.96
CA GLY A 25 -23.91 26.34 20.24
C GLY A 25 -24.01 27.58 21.11
N GLU A 26 -25.14 27.74 21.81
CA GLU A 26 -25.34 28.93 22.63
C GLU A 26 -24.28 29.02 23.73
N ALA A 27 -23.96 27.89 24.37
CA ALA A 27 -22.91 27.88 25.39
C ALA A 27 -21.58 28.27 24.76
N PHE A 28 -21.33 27.77 23.56
CA PHE A 28 -20.10 28.04 22.82
C PHE A 28 -19.95 29.54 22.54
N SER A 29 -21.03 30.17 22.07
CA SER A 29 -20.96 31.60 21.74
C SER A 29 -21.01 32.48 22.99
N ALA A 30 -21.82 32.11 23.99
CA ALA A 30 -21.97 32.96 25.17
C ALA A 30 -20.64 33.13 25.89
N VAL A 31 -19.86 32.06 25.98
CA VAL A 31 -18.57 32.18 26.66
C VAL A 31 -17.62 33.05 25.84
N ARG A 32 -17.75 33.07 24.52
CA ARG A 32 -16.86 33.93 23.74
C ARG A 32 -17.37 35.36 23.67
N GLY A 33 -18.56 35.62 24.19
CA GLY A 33 -19.05 36.98 24.30
C GLY A 33 -19.69 37.57 23.07
N PHE A 34 -20.06 36.76 22.08
CA PHE A 34 -20.76 37.30 20.93
C PHE A 34 -22.17 36.73 20.81
N GLN A 35 -23.04 37.52 20.20
CA GLN A 35 -24.41 37.13 19.92
C GLN A 35 -24.47 36.25 18.67
N ALA A 36 -25.28 35.20 18.75
CA ALA A 36 -25.49 34.34 17.60
C ALA A 36 -26.89 33.74 17.67
N ASP A 37 -27.48 33.51 16.51
CA ASP A 37 -28.80 32.90 16.39
C ASP A 37 -28.61 31.45 15.98
N TRP A 38 -28.59 30.56 16.97
CA TRP A 38 -28.21 29.18 16.69
C TRP A 38 -29.30 28.40 15.96
N THR A 39 -30.56 28.81 16.09
CA THR A 39 -31.61 28.24 15.25
C THR A 39 -31.28 28.42 13.78
N THR A 40 -31.01 29.67 13.38
CA THR A 40 -30.64 29.92 11.99
C THR A 40 -29.37 29.16 11.62
N VAL A 41 -28.37 29.16 12.51
CA VAL A 41 -27.12 28.46 12.19
C VAL A 41 -27.39 26.98 11.98
N THR A 42 -28.19 26.37 12.87
CA THR A 42 -28.49 24.95 12.74
C THR A 42 -29.17 24.64 11.42
N GLU A 43 -30.19 25.43 11.06
CA GLU A 43 -30.92 25.19 9.82
C GLU A 43 -30.01 25.37 8.61
N GLN A 44 -29.17 26.42 8.59
CA GLN A 44 -28.27 26.64 7.47
C GLN A 44 -27.27 25.50 7.36
N TRP A 45 -26.72 25.08 8.50
CA TRP A 45 -25.72 24.00 8.49
C TRP A 45 -26.29 22.74 7.88
N ARG A 46 -27.51 22.37 8.30
CA ARG A 46 -28.17 21.20 7.75
C ARG A 46 -28.43 21.34 6.25
N ALA A 47 -28.90 22.52 5.82
CA ALA A 47 -29.18 22.72 4.40
C ALA A 47 -27.90 22.60 3.57
N GLU A 48 -26.82 23.23 4.02
CA GLU A 48 -25.55 23.15 3.28
C GLU A 48 -25.01 21.73 3.29
N TYR A 49 -25.06 21.04 4.42
CA TYR A 49 -24.70 19.63 4.46
C TYR A 49 -25.47 18.83 3.42
N ARG A 50 -26.80 18.98 3.40
CA ARG A 50 -27.61 18.13 2.52
C ARG A 50 -27.39 18.46 1.06
N SER A 51 -27.08 19.73 0.76
CA SER A 51 -26.74 20.12 -0.60
C SER A 51 -25.43 19.48 -1.05
N ARG A 52 -24.41 19.53 -0.19
CA ARG A 52 -23.14 18.89 -0.52
C ARG A 52 -23.27 17.38 -0.55
N LEU A 53 -24.01 16.80 0.40
CA LEU A 53 -24.28 15.38 0.36
C LEU A 53 -24.90 14.98 -0.97
N ASP A 54 -25.90 15.74 -1.42
CA ASP A 54 -26.54 15.47 -2.70
C ASP A 54 -25.52 15.51 -3.84
N GLN A 55 -24.52 16.37 -3.75
CA GLN A 55 -23.47 16.40 -4.77
C GLN A 55 -22.58 15.18 -4.68
N VAL A 56 -22.33 14.65 -3.47
CA VAL A 56 -21.60 13.39 -3.36
C VAL A 56 -22.41 12.27 -4.01
N ILE A 57 -23.71 12.24 -3.72
CA ILE A 57 -24.55 11.15 -4.22
C ILE A 57 -24.58 11.16 -5.74
N LYS A 58 -24.67 12.35 -6.34
CA LYS A 58 -24.73 12.50 -7.79
C LYS A 58 -23.39 12.26 -8.47
N GLY A 59 -22.29 12.16 -7.72
CA GLY A 59 -20.98 12.04 -8.32
C GLY A 59 -20.31 13.36 -8.65
N GLU A 60 -20.97 14.49 -8.41
CA GLU A 60 -20.35 15.79 -8.65
C GLU A 60 -19.19 16.04 -7.70
N ARG A 61 -19.23 15.47 -6.50
CA ARG A 61 -18.17 15.56 -5.51
C ARG A 61 -17.66 14.16 -5.16
N PRO A 62 -16.37 14.02 -4.85
CA PRO A 62 -15.83 12.70 -4.50
C PRO A 62 -16.35 12.21 -3.16
N TRP A 63 -16.51 10.89 -3.04
CA TRP A 63 -17.04 10.33 -1.80
C TRP A 63 -16.16 10.71 -0.61
N THR A 64 -16.80 11.05 0.50
CA THR A 64 -16.10 11.31 1.75
C THR A 64 -17.07 11.05 2.89
N THR A 65 -16.50 10.90 4.09
CA THR A 65 -17.31 10.66 5.28
C THR A 65 -18.25 11.83 5.51
N THR A 66 -19.40 11.55 6.16
CA THR A 66 -20.30 12.64 6.50
C THR A 66 -19.67 13.60 7.50
N ASP A 67 -18.73 13.12 8.31
CA ASP A 67 -18.01 14.00 9.23
C ASP A 67 -17.33 15.14 8.48
N ARG A 68 -16.65 14.82 7.37
CA ARG A 68 -15.98 15.85 6.61
C ARG A 68 -16.96 16.75 5.88
N ILE A 69 -18.09 16.19 5.41
CA ILE A 69 -19.10 17.03 4.75
C ILE A 69 -19.64 18.06 5.73
N TYR A 70 -20.00 17.63 6.95
CA TYR A 70 -20.43 18.59 7.97
C TYR A 70 -19.35 19.63 8.24
N ARG A 71 -18.10 19.20 8.33
CA ARG A 71 -17.03 20.12 8.69
C ARG A 71 -16.80 21.15 7.58
N GLU A 72 -16.90 20.72 6.33
CA GLU A 72 -16.76 21.65 5.22
C GLU A 72 -18.01 22.50 5.05
N ALA A 73 -19.19 21.92 5.27
CA ALA A 73 -20.41 22.73 5.24
C ALA A 73 -20.35 23.81 6.31
N LEU A 74 -19.71 23.51 7.45
CA LEU A 74 -19.57 24.49 8.50
C LEU A 74 -18.77 25.69 8.03
N ASP A 75 -17.62 25.46 7.39
CA ASP A 75 -16.86 26.57 6.78
C ASP A 75 -17.75 27.42 5.86
N GLY A 76 -18.59 26.75 5.08
CA GLY A 76 -19.44 27.48 4.15
C GLY A 76 -20.41 28.43 4.83
N ILE A 77 -21.15 27.92 5.82
CA ILE A 77 -22.19 28.77 6.40
C ILE A 77 -21.60 29.81 7.34
N LEU A 78 -20.44 29.55 7.94
CA LEU A 78 -19.83 30.52 8.83
C LEU A 78 -19.46 31.82 8.11
N ALA A 79 -19.28 31.77 6.78
CA ALA A 79 -19.03 33.01 6.04
C ALA A 79 -20.25 33.92 6.01
N ASN A 80 -21.43 33.42 6.36
CA ASN A 80 -22.63 34.25 6.45
C ASN A 80 -22.71 35.02 7.76
N HIS A 81 -21.83 34.75 8.71
CA HIS A 81 -21.95 35.32 10.04
C HIS A 81 -20.68 36.06 10.38
N PRO A 82 -20.76 37.32 10.81
CA PRO A 82 -19.53 38.09 11.06
C PRO A 82 -18.65 37.47 12.13
N TRP A 83 -19.24 36.87 13.16
CA TRP A 83 -18.45 36.20 14.20
C TRP A 83 -17.79 34.91 13.69
N GLY A 84 -18.24 34.36 12.57
CA GLY A 84 -17.70 33.09 12.12
C GLY A 84 -16.22 33.16 11.81
N ALA A 85 -15.78 34.26 11.21
CA ALA A 85 -14.38 34.44 10.88
C ALA A 85 -13.48 34.38 12.11
N SER A 86 -14.02 34.70 13.29
CA SER A 86 -13.24 34.64 14.52
C SER A 86 -12.97 33.21 14.98
N LEU A 87 -13.62 32.21 14.38
CA LEU A 87 -13.50 30.84 14.85
C LEU A 87 -12.36 30.15 14.13
N ASN A 88 -11.39 29.65 14.90
CA ASN A 88 -10.23 29.01 14.29
C ASN A 88 -10.55 27.56 13.98
N SER A 89 -9.58 26.84 13.42
CA SER A 89 -9.83 25.46 13.00
C SER A 89 -10.27 24.58 14.17
N ALA A 90 -9.60 24.73 15.33
CA ALA A 90 -9.97 23.95 16.51
C ALA A 90 -11.38 24.31 17.00
N ASP A 91 -11.73 25.61 16.95
CA ASP A 91 -13.11 26.00 17.28
C ASP A 91 -14.12 25.29 16.39
N ARG A 92 -13.80 25.17 15.09
CA ARG A 92 -14.76 24.59 14.16
C ARG A 92 -14.84 23.07 14.33
N ASP A 93 -13.71 22.42 14.61
CA ASP A 93 -13.73 20.99 14.94
C ASP A 93 -14.62 20.75 16.17
N GLU A 94 -14.51 21.62 17.18
CA GLU A 94 -15.33 21.45 18.37
C GLU A 94 -16.81 21.53 18.04
N LEU A 95 -17.23 22.56 17.30
CA LEU A 95 -18.62 22.63 16.85
C LEU A 95 -18.99 21.39 16.04
N ASN A 96 -18.12 20.96 15.13
CA ASN A 96 -18.48 19.84 14.26
C ASN A 96 -18.64 18.54 15.04
N SER A 97 -17.92 18.39 16.16
CA SER A 97 -18.03 17.19 16.97
C SER A 97 -19.42 17.03 17.57
N LEU A 98 -20.20 18.12 17.67
CA LEU A 98 -21.56 18.02 18.19
C LEU A 98 -22.40 17.01 17.44
N TRP A 99 -22.16 16.86 16.13
CA TRP A 99 -22.90 15.89 15.34
C TRP A 99 -22.57 14.46 15.72
N SER A 100 -21.54 14.23 16.52
CA SER A 100 -21.27 12.92 17.08
C SER A 100 -21.70 12.81 18.52
N LYS A 101 -22.49 13.78 19.01
CA LYS A 101 -22.92 13.83 20.40
C LYS A 101 -24.43 13.99 20.54
N LEU A 102 -25.18 13.93 19.42
CA LEU A 102 -26.61 14.22 19.42
C LEU A 102 -27.32 13.48 20.55
N ILE A 103 -28.04 14.22 21.40
CA ILE A 103 -28.60 13.65 22.62
C ILE A 103 -29.86 12.84 22.34
N PRO A 104 -30.14 11.80 23.10
CA PRO A 104 -31.37 11.02 22.88
C PRO A 104 -32.61 11.81 23.28
N TRP A 105 -33.73 11.55 22.60
CA TRP A 105 -35.03 11.88 23.18
C TRP A 105 -35.19 11.12 24.50
N ASP A 106 -36.02 11.66 25.39
CA ASP A 106 -36.09 11.07 26.72
C ASP A 106 -36.71 9.67 26.73
N ASP A 107 -37.37 9.25 25.64
CA ASP A 107 -37.90 7.88 25.51
C ASP A 107 -36.91 6.90 24.89
N THR A 108 -35.82 7.36 24.26
CA THR A 108 -35.07 6.49 23.36
C THR A 108 -34.36 5.34 24.08
N ALA A 109 -33.54 5.64 25.09
CA ALA A 109 -32.78 4.58 25.74
C ALA A 109 -33.68 3.52 26.37
N PRO A 110 -34.70 3.86 27.17
CA PRO A 110 -35.52 2.78 27.75
C PRO A 110 -36.30 2.00 26.70
N GLY A 111 -36.75 2.64 25.63
CA GLY A 111 -37.46 1.91 24.60
C GLY A 111 -36.54 0.97 23.84
N LEU A 112 -35.33 1.44 23.52
CA LEU A 112 -34.33 0.59 22.88
C LEU A 112 -33.97 -0.62 23.74
N ALA A 113 -33.81 -0.44 25.06
CA ALA A 113 -33.50 -1.58 25.93
C ALA A 113 -34.64 -2.61 25.91
N ARG A 114 -35.88 -2.15 25.97
N ARG A 114 -35.88 -2.14 26.00
CA ARG A 114 -37.01 -3.07 25.92
CA ARG A 114 -37.04 -3.01 25.91
C ARG A 114 -37.06 -3.81 24.59
C ARG A 114 -37.03 -3.80 24.59
N LEU A 115 -36.88 -3.10 23.47
CA LEU A 115 -36.93 -3.77 22.18
C LEU A 115 -35.80 -4.77 22.04
N ARG A 116 -34.61 -4.43 22.55
CA ARG A 116 -33.49 -5.36 22.44
C ARG A 116 -33.73 -6.64 23.23
N SER A 117 -34.56 -6.61 24.27
CA SER A 117 -34.86 -7.85 24.98
C SER A 117 -35.67 -8.81 24.13
N LYS A 118 -36.32 -8.33 23.08
CA LYS A 118 -37.13 -9.22 22.29
C LYS A 118 -36.60 -9.41 20.88
N TYR A 119 -35.82 -8.47 20.35
CA TYR A 119 -35.39 -8.49 18.97
C TYR A 119 -33.89 -8.25 18.87
N ILE A 120 -33.34 -8.65 17.73
CA ILE A 120 -32.07 -8.08 17.29
C ILE A 120 -32.27 -6.62 16.90
N THR A 121 -31.46 -5.74 17.46
CA THR A 121 -31.60 -4.32 17.13
C THR A 121 -30.32 -3.77 16.55
N SER A 122 -30.47 -2.83 15.62
CA SER A 122 -29.34 -2.26 14.91
C SER A 122 -29.75 -0.89 14.42
N THR A 123 -28.78 0.03 14.39
CA THR A 123 -29.00 1.24 13.63
C THR A 123 -28.97 0.91 12.14
N LEU A 124 -29.58 1.79 11.35
CA LEU A 124 -29.42 1.80 9.88
C LEU A 124 -29.70 3.24 9.42
N SER A 125 -28.65 4.07 9.42
CA SER A 125 -28.82 5.48 9.10
C SER A 125 -27.79 5.88 8.04
N ASN A 126 -27.87 7.14 7.60
CA ASN A 126 -26.96 7.61 6.58
C ASN A 126 -25.64 8.18 7.12
N GLY A 127 -25.52 8.44 8.41
CA GLY A 127 -24.30 9.06 8.88
C GLY A 127 -23.10 8.14 8.92
N SER A 128 -21.93 8.71 9.23
CA SER A 128 -20.72 7.90 9.35
C SER A 128 -20.87 6.87 10.47
N MET A 129 -20.23 5.71 10.29
CA MET A 129 -20.12 4.75 11.38
C MET A 129 -19.55 5.39 12.63
N ALA A 130 -18.52 6.22 12.47
CA ALA A 130 -17.85 6.81 13.63
C ALA A 130 -18.81 7.67 14.45
N SER A 131 -19.65 8.46 13.77
CA SER A 131 -20.53 9.34 14.52
C SER A 131 -21.70 8.57 15.13
N VAL A 132 -22.21 7.56 14.43
CA VAL A 132 -23.34 6.81 14.99
C VAL A 132 -22.88 5.98 16.18
N LEU A 133 -21.71 5.36 16.07
CA LEU A 133 -21.11 4.67 17.19
C LEU A 133 -21.02 5.58 18.42
N ARG A 134 -20.48 6.80 18.24
CA ARG A 134 -20.27 7.67 19.39
C ARG A 134 -21.60 8.19 19.92
N ILE A 135 -22.58 8.47 19.04
CA ILE A 135 -23.90 8.90 19.50
C ILE A 135 -24.52 7.82 20.40
N SER A 136 -24.42 6.57 19.97
CA SER A 136 -24.99 5.48 20.76
C SER A 136 -24.24 5.28 22.07
N LYS A 137 -22.92 5.38 22.03
CA LYS A 137 -22.14 5.22 23.26
C LYS A 137 -22.43 6.36 24.24
N LEU A 138 -22.38 7.60 23.76
CA LEU A 138 -22.56 8.75 24.64
C LEU A 138 -23.98 8.78 25.22
N GLY A 139 -24.98 8.45 24.42
CA GLY A 139 -26.36 8.37 24.91
C GLY A 139 -26.72 7.13 25.70
N ALA A 140 -25.77 6.20 25.85
CA ALA A 140 -26.03 4.88 26.46
C ALA A 140 -27.20 4.19 25.77
N LEU A 141 -27.21 4.28 24.44
CA LEU A 141 -28.24 3.65 23.61
C LEU A 141 -27.81 2.22 23.27
N PRO A 142 -28.52 1.19 23.73
CA PRO A 142 -28.04 -0.19 23.49
C PRO A 142 -28.48 -0.67 22.12
N PHE A 143 -27.58 -1.40 21.45
CA PHE A 143 -27.86 -1.99 20.14
C PHE A 143 -27.11 -3.31 20.02
N ASP A 144 -27.62 -4.24 19.23
CA ASP A 144 -26.79 -5.39 18.95
C ASP A 144 -25.77 -5.09 17.86
N ALA A 145 -26.06 -4.13 16.97
CA ALA A 145 -25.11 -3.80 15.92
C ALA A 145 -25.25 -2.34 15.57
N ILE A 146 -24.17 -1.77 15.06
CA ILE A 146 -24.18 -0.41 14.50
C ILE A 146 -23.96 -0.55 13.00
N LEU A 147 -24.98 -0.22 12.19
CA LEU A 147 -24.82 -0.20 10.73
C LEU A 147 -25.15 1.20 10.21
N THR A 148 -24.41 1.64 9.21
CA THR A 148 -24.76 2.85 8.50
C THR A 148 -24.43 2.67 7.04
N ALA A 149 -25.03 3.55 6.22
CA ALA A 149 -24.88 3.50 4.78
C ALA A 149 -23.44 3.71 4.35
N GLU A 150 -22.60 4.27 5.23
CA GLU A 150 -21.17 4.34 4.95
C GLU A 150 -20.61 2.98 4.55
N LEU A 151 -21.13 1.90 5.12
CA LEU A 151 -20.54 0.58 4.88
C LEU A 151 -20.72 0.14 3.44
N VAL A 152 -21.68 0.73 2.71
CA VAL A 152 -21.80 0.50 1.28
C VAL A 152 -21.55 1.79 0.49
N ARG A 153 -20.96 2.81 1.14
CA ARG A 153 -20.63 4.07 0.47
C ARG A 153 -21.86 4.66 -0.25
N SER A 154 -23.00 4.67 0.44
CA SER A 154 -24.18 5.21 -0.20
C SER A 154 -25.06 5.92 0.84
N SER A 155 -26.36 6.00 0.57
CA SER A 155 -27.34 6.66 1.42
C SER A 155 -28.70 6.03 1.16
N LYS A 156 -29.50 5.87 2.21
CA LYS A 156 -30.92 5.59 1.98
C LYS A 156 -31.48 6.72 1.11
N PRO A 157 -32.43 6.43 0.22
CA PRO A 157 -33.18 5.19 0.02
C PRO A 157 -32.53 4.16 -0.92
N ASP A 158 -31.23 4.26 -1.21
CA ASP A 158 -30.57 3.28 -2.07
C ASP A 158 -30.86 1.87 -1.57
N PRO A 159 -31.46 1.00 -2.40
CA PRO A 159 -31.71 -0.40 -1.98
C PRO A 159 -30.50 -1.09 -1.35
N LYS A 160 -29.27 -0.73 -1.75
CA LYS A 160 -28.09 -1.38 -1.17
C LYS A 160 -28.04 -1.22 0.35
N VAL A 161 -28.51 -0.10 0.86
CA VAL A 161 -28.43 0.13 2.30
C VAL A 161 -29.37 -0.82 3.03
N TYR A 162 -30.59 -0.99 2.51
CA TYR A 162 -31.53 -1.92 3.13
C TYR A 162 -31.02 -3.36 3.01
N GLN A 163 -30.42 -3.69 1.86
CA GLN A 163 -29.89 -5.04 1.69
C GLN A 163 -28.70 -5.28 2.63
N LEU A 164 -27.87 -4.25 2.83
CA LEU A 164 -26.80 -4.32 3.83
C LEU A 164 -27.34 -4.80 5.18
N ALA A 165 -28.48 -4.24 5.59
CA ALA A 165 -29.08 -4.63 6.87
C ALA A 165 -29.48 -6.10 6.87
N LEU A 166 -30.09 -6.57 5.78
CA LEU A 166 -30.52 -7.96 5.71
C LEU A 166 -29.34 -8.92 5.64
N ASP A 167 -28.29 -8.55 4.88
CA ASP A 167 -27.11 -9.42 4.77
C ASP A 167 -26.36 -9.51 6.09
N SER A 168 -26.23 -8.37 6.79
CA SER A 168 -25.46 -8.33 8.02
C SER A 168 -26.15 -9.12 9.14
N VAL A 169 -27.47 -9.05 9.22
CA VAL A 169 -28.18 -9.75 10.28
C VAL A 169 -28.61 -11.14 9.84
N GLY A 170 -28.56 -11.41 8.53
CA GLY A 170 -28.83 -12.74 8.02
C GLY A 170 -30.29 -13.11 8.03
N ILE A 171 -31.17 -12.18 7.68
CA ILE A 171 -32.61 -12.40 7.72
C ILE A 171 -33.22 -11.93 6.41
N GLU A 172 -34.46 -12.36 6.17
CA GLU A 172 -35.19 -11.92 4.99
C GLU A 172 -35.96 -10.65 5.28
N ALA A 173 -36.40 -9.99 4.19
CA ALA A 173 -37.02 -8.68 4.33
C ALA A 173 -38.25 -8.72 5.24
N HIS A 174 -39.10 -9.75 5.08
CA HIS A 174 -40.33 -9.79 5.88
C HIS A 174 -40.05 -10.05 7.35
N GLN A 175 -38.81 -10.39 7.73
CA GLN A 175 -38.43 -10.57 9.12
C GLN A 175 -37.76 -9.33 9.71
N ALA A 176 -37.70 -8.26 8.95
CA ALA A 176 -37.04 -7.02 9.32
C ALA A 176 -38.06 -5.90 9.41
N MET A 177 -37.77 -4.94 10.27
CA MET A 177 -38.60 -3.75 10.38
C MET A 177 -37.72 -2.52 10.39
N MET A 178 -38.03 -1.57 9.52
CA MET A 178 -37.37 -0.27 9.49
C MET A 178 -38.15 0.67 10.40
N VAL A 179 -37.44 1.35 11.29
CA VAL A 179 -38.03 2.27 12.26
C VAL A 179 -37.47 3.66 11.96
N ALA A 180 -38.37 4.63 11.71
CA ALA A 180 -37.91 5.98 11.41
C ALA A 180 -39.01 6.98 11.67
N CYS A 181 -38.60 8.24 11.78
CA CYS A 181 -39.54 9.35 11.79
C CYS A 181 -39.61 10.06 10.44
N HIS A 182 -39.01 9.48 9.40
CA HIS A 182 -38.97 10.08 8.06
C HIS A 182 -39.67 9.16 7.07
N LYS A 183 -40.68 9.70 6.37
CA LYS A 183 -41.55 8.84 5.56
C LYS A 183 -40.86 8.30 4.32
N TYR A 184 -39.96 9.07 3.70
CA TYR A 184 -39.25 8.57 2.51
C TYR A 184 -38.54 7.26 2.82
N ASP A 185 -37.98 7.17 4.03
CA ASP A 185 -37.24 6.00 4.47
C ASP A 185 -38.15 4.79 4.59
N LEU A 186 -39.29 4.95 5.29
CA LEU A 186 -40.24 3.86 5.45
C LEU A 186 -40.86 3.44 4.13
N GLN A 187 -41.19 4.41 3.27
CA GLN A 187 -41.75 4.07 1.96
C GLN A 187 -40.78 3.18 1.19
N ALA A 188 -39.48 3.53 1.20
CA ALA A 188 -38.50 2.75 0.45
C ALA A 188 -38.36 1.34 1.04
N ALA A 189 -38.26 1.25 2.36
CA ALA A 189 -38.11 -0.07 2.97
C ALA A 189 -39.36 -0.93 2.76
N LYS A 190 -40.55 -0.31 2.85
CA LYS A 190 -41.79 -1.06 2.61
C LYS A 190 -41.81 -1.64 1.20
N ARG A 191 -41.42 -0.86 0.20
CA ARG A 191 -41.37 -1.38 -1.17
C ARG A 191 -40.39 -2.54 -1.33
N LEU A 192 -39.41 -2.67 -0.46
CA LEU A 192 -38.47 -3.77 -0.51
C LEU A 192 -38.87 -4.93 0.40
N GLY A 193 -40.08 -4.89 0.96
CA GLY A 193 -40.61 -5.98 1.74
C GLY A 193 -40.40 -5.88 3.25
N PHE A 194 -39.77 -4.82 3.75
CA PHE A 194 -39.65 -4.64 5.19
C PHE A 194 -41.00 -4.31 5.82
N LYS A 195 -41.16 -4.69 7.07
CA LYS A 195 -42.16 -4.04 7.89
C LYS A 195 -41.67 -2.65 8.25
N VAL A 196 -42.58 -1.72 8.58
CA VAL A 196 -42.13 -0.37 8.92
C VAL A 196 -42.87 0.15 10.14
N ALA A 197 -42.13 0.86 10.99
CA ALA A 197 -42.69 1.52 12.17
C ALA A 197 -42.36 2.99 12.08
N PHE A 198 -43.38 3.83 12.18
CA PHE A 198 -43.21 5.26 12.15
C PHE A 198 -43.24 5.79 13.58
N ILE A 199 -42.24 6.57 13.94
CA ILE A 199 -42.24 7.23 15.23
C ILE A 199 -42.48 8.71 14.98
N ALA A 200 -43.59 9.22 15.48
CA ALA A 200 -43.88 10.64 15.34
C ALA A 200 -42.91 11.45 16.19
N ARG A 201 -42.21 12.42 15.57
CA ARG A 201 -41.26 13.29 16.26
C ARG A 201 -41.69 14.74 16.01
N PRO A 202 -42.68 15.22 16.75
CA PRO A 202 -43.24 16.54 16.46
C PRO A 202 -42.28 17.69 16.75
N PHE A 203 -41.19 17.44 17.46
CA PHE A 203 -40.21 18.49 17.78
C PHE A 203 -38.88 18.27 17.07
N GLU A 204 -38.86 17.50 15.98
CA GLU A 204 -37.61 17.20 15.30
C GLU A 204 -36.85 18.46 14.90
N PHE A 205 -37.55 19.54 14.51
CA PHE A 205 -36.90 20.76 14.09
C PHE A 205 -37.10 21.88 15.11
N GLY A 206 -37.21 21.51 16.39
CA GLY A 206 -37.36 22.46 17.44
C GLY A 206 -38.76 22.41 18.00
N PRO A 207 -38.96 23.06 19.16
CA PRO A 207 -40.26 22.93 19.83
C PRO A 207 -41.39 23.57 19.06
N ASN A 208 -41.10 24.51 18.17
CA ASN A 208 -42.14 25.35 17.59
C ASN A 208 -42.46 25.04 16.13
N LYS A 209 -41.70 24.20 15.45
CA LYS A 209 -41.89 24.02 14.02
C LYS A 209 -42.78 22.79 13.76
N LYS A 210 -43.84 23.01 13.01
CA LYS A 210 -44.73 21.90 12.65
C LYS A 210 -43.99 20.91 11.75
N VAL A 211 -44.07 19.63 12.11
CA VAL A 211 -43.53 18.52 11.32
C VAL A 211 -44.70 17.62 10.92
N ASP A 212 -44.55 16.96 9.76
CA ASP A 212 -45.50 15.97 9.27
C ASP A 212 -45.44 14.71 10.12
N THR A 213 -46.42 14.52 11.00
CA THR A 213 -46.48 13.34 11.84
C THR A 213 -47.74 12.52 11.61
N LYS A 214 -48.47 12.76 10.53
CA LYS A 214 -49.74 12.06 10.39
C LYS A 214 -49.50 10.60 10.00
N PRO A 215 -50.39 9.70 10.40
CA PRO A 215 -50.21 8.28 10.02
C PRO A 215 -50.38 8.09 8.53
N GLU A 216 -49.87 6.97 8.03
CA GLU A 216 -50.06 6.59 6.64
C GLU A 216 -50.59 5.17 6.58
N GLN A 217 -51.24 4.85 5.46
CA GLN A 217 -51.86 3.54 5.28
C GLN A 217 -50.85 2.41 5.28
N TYR A 218 -49.63 2.64 4.82
CA TYR A 218 -48.70 1.52 4.68
C TYR A 218 -47.88 1.26 5.94
N PHE A 219 -48.06 2.04 7.00
CA PHE A 219 -47.30 1.83 8.24
C PHE A 219 -47.80 0.58 8.95
N ASP A 220 -46.89 -0.36 9.27
CA ASP A 220 -47.30 -1.46 10.15
C ASP A 220 -47.52 -0.98 11.58
N TYR A 221 -46.75 0.01 12.02
CA TYR A 221 -46.86 0.53 13.37
C TYR A 221 -46.75 2.05 13.33
N TYR A 222 -47.55 2.70 14.17
CA TYR A 222 -47.52 4.14 14.37
C TYR A 222 -47.39 4.38 15.88
N ALA A 223 -46.30 5.01 16.29
CA ALA A 223 -45.99 5.20 17.71
C ALA A 223 -45.51 6.62 17.96
N ASN A 224 -45.73 7.11 19.19
CA ASN A 224 -45.26 8.41 19.59
C ASN A 224 -43.95 8.39 20.38
N SER A 225 -43.32 7.22 20.54
CA SER A 225 -42.05 7.08 21.25
C SER A 225 -41.54 5.68 21.04
N VAL A 226 -40.23 5.48 21.29
CA VAL A 226 -39.69 4.12 21.23
C VAL A 226 -40.31 3.27 22.33
N VAL A 227 -40.59 3.86 23.50
CA VAL A 227 -41.25 3.12 24.58
C VAL A 227 -42.63 2.61 24.12
N GLU A 228 -43.41 3.46 23.46
CA GLU A 228 -44.72 3.05 22.98
C GLU A 228 -44.60 1.95 21.95
N LEU A 229 -43.61 2.07 21.06
CA LEU A 229 -43.35 1.02 20.08
C LEU A 229 -43.06 -0.30 20.78
N ALA A 230 -42.27 -0.26 21.85
CA ALA A 230 -42.01 -1.48 22.62
C ALA A 230 -43.29 -2.06 23.19
N GLY A 231 -44.17 -1.19 23.71
CA GLY A 231 -45.41 -1.68 24.28
C GLY A 231 -46.25 -2.40 23.24
N MET A 232 -46.37 -1.82 22.04
CA MET A 232 -47.23 -2.43 21.03
C MET A 232 -46.62 -3.69 20.46
N LEU A 233 -45.29 -3.82 20.50
CA LEU A 233 -44.65 -5.05 20.10
C LEU A 233 -44.54 -6.04 21.24
N GLY A 234 -45.08 -5.71 22.41
CA GLY A 234 -45.05 -6.63 23.53
C GLY A 234 -43.67 -6.88 24.09
N ALA A 235 -42.77 -5.91 23.97
CA ALA A 235 -41.36 -6.07 24.33
C ALA A 235 -41.12 -5.53 25.74
N LEU A 236 -40.75 -6.43 26.67
CA LEU A 236 -40.46 -6.07 28.05
C LEU A 236 -39.00 -6.37 28.40
N GLU A 237 -38.46 -5.51 29.29
CA GLU A 237 -37.12 -5.55 29.94
C GLU A 237 -36.22 -4.46 29.38
N GLY B 2 -3.21 8.94 22.70
CA GLY B 2 -3.38 7.76 23.52
C GLY B 2 -4.41 6.79 22.95
N LEU B 3 -4.61 5.69 23.66
CA LEU B 3 -5.46 4.61 23.17
C LEU B 3 -6.93 5.03 23.19
N LYS B 4 -7.63 4.81 22.07
CA LYS B 4 -9.04 5.17 21.95
C LYS B 4 -9.98 4.00 21.76
N ALA B 5 -9.55 2.91 21.13
CA ALA B 5 -10.48 1.85 20.76
C ALA B 5 -9.78 0.50 20.76
N LEU B 6 -10.48 -0.53 21.23
CA LEU B 6 -10.01 -1.91 21.22
C LEU B 6 -10.88 -2.74 20.28
N PHE B 7 -10.23 -3.56 19.44
CA PHE B 7 -10.88 -4.45 18.47
C PHE B 7 -10.55 -5.89 18.85
N PHE B 8 -11.60 -6.70 19.05
CA PHE B 8 -11.43 -8.04 19.58
C PHE B 8 -11.69 -9.08 18.49
N ASN B 9 -10.72 -9.97 18.28
CA ASN B 9 -11.01 -11.25 17.67
C ASN B 9 -12.04 -12.00 18.53
N VAL B 10 -12.75 -12.96 17.95
CA VAL B 10 -13.90 -13.57 18.61
C VAL B 10 -13.66 -15.05 18.96
N GLN B 11 -13.53 -15.90 17.94
CA GLN B 11 -13.40 -17.33 18.22
C GLN B 11 -12.10 -17.61 18.95
N GLY B 12 -12.20 -18.30 20.07
CA GLY B 12 -11.00 -18.58 20.87
C GLY B 12 -10.61 -17.39 21.73
N THR B 13 -10.54 -16.20 21.14
CA THR B 13 -10.14 -15.03 21.91
C THR B 13 -11.14 -14.75 23.02
N LEU B 14 -12.43 -14.74 22.69
CA LEU B 14 -13.50 -14.39 23.61
C LEU B 14 -14.42 -15.54 23.93
N VAL B 15 -14.51 -16.53 23.04
CA VAL B 15 -15.50 -17.60 23.21
C VAL B 15 -14.84 -18.94 23.00
N ASP B 16 -15.40 -19.95 23.67
CA ASP B 16 -14.82 -21.29 23.73
C ASP B 16 -15.59 -22.16 22.75
N PHE B 17 -15.11 -22.22 21.49
CA PHE B 17 -15.85 -23.01 20.50
C PHE B 17 -15.66 -24.51 20.73
N TYR B 18 -14.49 -24.91 21.24
CA TYR B 18 -14.26 -26.31 21.55
C TYR B 18 -15.38 -26.87 22.43
N SER B 19 -15.65 -26.23 23.58
CA SER B 19 -16.67 -26.73 24.50
C SER B 19 -18.06 -26.61 23.90
N THR B 20 -18.33 -25.56 23.13
CA THR B 20 -19.63 -25.44 22.48
C THR B 20 -19.87 -26.60 21.53
N ILE B 21 -18.87 -26.93 20.72
CA ILE B 21 -18.96 -28.05 19.79
C ILE B 21 -19.20 -29.36 20.55
N THR B 22 -18.37 -29.62 21.57
CA THR B 22 -18.42 -30.93 22.25
C THR B 22 -19.73 -31.12 22.98
N ARG B 23 -20.19 -30.08 23.68
CA ARG B 23 -21.39 -30.26 24.49
C ARG B 23 -22.64 -30.25 23.61
N GLU B 24 -22.68 -29.47 22.55
CA GLU B 24 -23.81 -29.57 21.65
C GLU B 24 -23.75 -30.87 20.85
N GLY B 25 -22.55 -31.26 20.41
CA GLY B 25 -22.42 -32.55 19.74
C GLY B 25 -22.88 -33.70 20.63
N GLU B 26 -22.41 -33.72 21.88
CA GLU B 26 -22.85 -34.76 22.81
C GLU B 26 -24.37 -34.77 23.00
N ALA B 27 -25.00 -33.59 22.97
CA ALA B 27 -26.46 -33.55 23.05
C ALA B 27 -27.09 -34.16 21.82
N PHE B 28 -26.54 -33.84 20.63
CA PHE B 28 -27.08 -34.38 19.40
C PHE B 28 -26.97 -35.91 19.37
N SER B 29 -25.80 -36.44 19.74
CA SER B 29 -25.61 -37.87 19.70
C SER B 29 -26.50 -38.59 20.70
N ALA B 30 -26.81 -37.95 21.84
CA ALA B 30 -27.66 -38.59 22.83
C ALA B 30 -29.09 -38.78 22.33
N VAL B 31 -29.68 -37.72 21.75
CA VAL B 31 -31.06 -37.81 21.30
C VAL B 31 -31.18 -38.80 20.15
N ARG B 32 -30.30 -38.72 19.17
CA ARG B 32 -30.34 -39.64 18.03
C ARG B 32 -29.92 -41.06 18.42
N GLY B 33 -29.40 -41.26 19.63
CA GLY B 33 -29.13 -42.60 20.12
C GLY B 33 -27.88 -43.27 19.59
N PHE B 34 -26.80 -42.51 19.41
CA PHE B 34 -25.50 -43.06 19.02
C PHE B 34 -24.40 -42.35 19.80
N GLN B 35 -23.26 -43.02 19.92
CA GLN B 35 -22.10 -42.47 20.61
C GLN B 35 -21.07 -41.96 19.60
N ALA B 36 -20.27 -41.00 20.02
CA ALA B 36 -19.27 -40.41 19.14
C ALA B 36 -18.20 -39.73 19.98
N ASP B 37 -16.93 -39.89 19.58
CA ASP B 37 -15.85 -39.17 20.24
C ASP B 37 -15.88 -37.72 19.79
N TRP B 38 -16.64 -36.89 20.48
CA TRP B 38 -16.74 -35.49 20.10
C TRP B 38 -15.50 -34.69 20.47
N THR B 39 -14.59 -35.27 21.26
CA THR B 39 -13.43 -34.52 21.73
C THR B 39 -12.46 -34.18 20.61
N THR B 40 -12.54 -34.91 19.49
CA THR B 40 -11.71 -34.67 18.31
C THR B 40 -12.44 -33.96 17.18
N VAL B 41 -13.74 -33.67 17.34
CA VAL B 41 -14.50 -33.13 16.22
C VAL B 41 -14.10 -31.68 15.95
N THR B 42 -13.83 -30.91 17.02
CA THR B 42 -13.37 -29.53 16.85
C THR B 42 -12.16 -29.47 15.94
N GLU B 43 -11.16 -30.30 16.21
CA GLU B 43 -9.95 -30.31 15.38
C GLU B 43 -10.29 -30.62 13.93
N GLN B 44 -11.09 -31.68 13.71
CA GLN B 44 -11.47 -32.05 12.35
C GLN B 44 -12.22 -30.93 11.64
N TRP B 45 -13.21 -30.33 12.32
CA TRP B 45 -14.08 -29.35 11.68
C TRP B 45 -13.31 -28.10 11.25
N ARG B 46 -12.45 -27.58 12.13
CA ARG B 46 -11.63 -26.42 11.77
C ARG B 46 -10.75 -26.72 10.56
N ALA B 47 -10.12 -27.89 10.55
CA ALA B 47 -9.26 -28.25 9.43
C ALA B 47 -10.06 -28.23 8.12
N GLU B 48 -11.18 -28.96 8.07
CA GLU B 48 -12.02 -28.96 6.88
C GLU B 48 -12.43 -27.56 6.50
N TYR B 49 -12.80 -26.75 7.50
CA TYR B 49 -13.24 -25.37 7.25
C TYR B 49 -12.13 -24.54 6.62
N ARG B 50 -10.92 -24.61 7.19
CA ARG B 50 -9.82 -23.80 6.68
C ARG B 50 -9.51 -24.15 5.23
N SER B 51 -9.56 -25.44 4.90
CA SER B 51 -9.36 -25.86 3.51
C SER B 51 -10.41 -25.23 2.59
N ARG B 52 -11.68 -25.39 2.94
CA ARG B 52 -12.75 -24.84 2.10
C ARG B 52 -12.72 -23.32 2.09
N LEU B 53 -12.33 -22.69 3.19
CA LEU B 53 -12.20 -21.24 3.20
C LEU B 53 -11.15 -20.78 2.20
N ASP B 54 -10.00 -21.47 2.17
CA ASP B 54 -8.94 -21.07 1.26
C ASP B 54 -9.39 -21.15 -0.20
N GLN B 55 -10.41 -21.97 -0.49
CA GLN B 55 -10.99 -21.97 -1.84
C GLN B 55 -11.62 -20.62 -2.17
N VAL B 56 -12.28 -19.99 -1.18
CA VAL B 56 -12.79 -18.65 -1.39
C VAL B 56 -11.65 -17.65 -1.48
N ILE B 57 -10.67 -17.78 -0.58
CA ILE B 57 -9.57 -16.83 -0.51
C ILE B 57 -8.75 -16.83 -1.80
N LYS B 58 -8.46 -18.01 -2.34
CA LYS B 58 -7.65 -18.13 -3.55
C LYS B 58 -8.46 -17.92 -4.83
N GLY B 59 -9.73 -17.55 -4.73
CA GLY B 59 -10.55 -17.27 -5.89
C GLY B 59 -11.10 -18.48 -6.62
N GLU B 60 -10.88 -19.69 -6.09
CA GLU B 60 -11.39 -20.88 -6.76
C GLU B 60 -12.89 -20.99 -6.65
N ARG B 61 -13.50 -20.19 -5.78
CA ARG B 61 -14.92 -20.25 -5.50
C ARG B 61 -15.42 -18.85 -5.23
N PRO B 62 -16.56 -18.46 -5.80
CA PRO B 62 -17.11 -17.13 -5.54
C PRO B 62 -17.35 -16.92 -4.05
N TRP B 63 -17.39 -15.66 -3.65
CA TRP B 63 -17.52 -15.34 -2.24
C TRP B 63 -18.81 -15.92 -1.68
N THR B 64 -18.70 -16.52 -0.49
CA THR B 64 -19.83 -17.08 0.24
C THR B 64 -19.59 -16.87 1.73
N THR B 65 -20.67 -16.95 2.50
CA THR B 65 -20.59 -16.66 3.93
C THR B 65 -19.79 -17.74 4.65
N THR B 66 -19.11 -17.33 5.73
CA THR B 66 -18.37 -18.30 6.54
C THR B 66 -19.32 -19.36 7.11
N ASP B 67 -20.57 -18.98 7.43
CA ASP B 67 -21.49 -19.98 7.97
C ASP B 67 -21.80 -21.06 6.95
N ARG B 68 -21.96 -20.67 5.68
CA ARG B 68 -22.16 -21.67 4.63
C ARG B 68 -20.95 -22.60 4.53
N ILE B 69 -19.75 -22.03 4.56
CA ILE B 69 -18.53 -22.83 4.47
C ILE B 69 -18.44 -23.79 5.64
N TYR B 70 -18.79 -23.33 6.84
CA TYR B 70 -18.81 -24.22 8.00
C TYR B 70 -19.79 -25.35 7.81
N ARG B 71 -20.95 -25.05 7.21
CA ARG B 71 -21.95 -26.08 6.94
C ARG B 71 -21.44 -27.12 5.95
N GLU B 72 -20.68 -26.68 4.94
CA GLU B 72 -20.12 -27.64 3.97
C GLU B 72 -18.95 -28.40 4.56
N ALA B 73 -18.16 -27.77 5.42
CA ALA B 73 -17.09 -28.50 6.10
C ALA B 73 -17.64 -29.60 6.99
N LEU B 74 -18.84 -29.37 7.57
CA LEU B 74 -19.45 -30.41 8.40
C LEU B 74 -19.76 -31.65 7.58
N ASP B 75 -20.29 -31.47 6.36
CA ASP B 75 -20.45 -32.61 5.46
C ASP B 75 -19.13 -33.33 5.25
N GLY B 76 -18.05 -32.56 5.13
CA GLY B 76 -16.73 -33.12 4.94
C GLY B 76 -16.33 -34.05 6.07
N ILE B 77 -16.40 -33.58 7.32
CA ILE B 77 -15.92 -34.41 8.42
C ILE B 77 -16.88 -35.56 8.70
N LEU B 78 -18.18 -35.35 8.49
CA LEU B 78 -19.15 -36.40 8.82
C LEU B 78 -19.01 -37.60 7.90
N ALA B 79 -18.52 -37.40 6.68
CA ALA B 79 -18.29 -38.53 5.79
C ALA B 79 -17.16 -39.44 6.28
N ASN B 80 -16.39 -39.01 7.28
CA ASN B 80 -15.28 -39.81 7.80
C ASN B 80 -15.67 -40.67 8.99
N HIS B 81 -16.91 -40.59 9.45
CA HIS B 81 -17.35 -41.35 10.60
C HIS B 81 -18.63 -42.11 10.23
N PRO B 82 -18.75 -43.39 10.58
CA PRO B 82 -19.99 -44.11 10.30
C PRO B 82 -21.20 -43.50 10.97
N TRP B 83 -21.01 -42.85 12.14
CA TRP B 83 -22.13 -42.21 12.80
C TRP B 83 -22.57 -40.93 12.11
N GLY B 84 -21.77 -40.39 11.18
CA GLY B 84 -22.16 -39.17 10.50
C GLY B 84 -23.46 -39.27 9.74
N ALA B 85 -23.74 -40.45 9.17
CA ALA B 85 -24.95 -40.63 8.37
C ALA B 85 -26.22 -40.53 9.20
N SER B 86 -26.14 -40.78 10.50
CA SER B 86 -27.33 -40.68 11.35
C SER B 86 -27.67 -39.24 11.71
N LEU B 87 -26.95 -38.26 11.15
CA LEU B 87 -27.32 -36.85 11.18
C LEU B 87 -27.74 -36.47 9.77
N ASN B 88 -29.03 -36.19 9.58
CA ASN B 88 -29.52 -35.81 8.27
C ASN B 88 -29.29 -34.32 8.03
N SER B 89 -29.77 -33.82 6.88
CA SER B 89 -29.48 -32.44 6.50
C SER B 89 -30.03 -31.46 7.53
N ALA B 90 -31.22 -31.73 8.05
CA ALA B 90 -31.81 -30.84 9.06
C ALA B 90 -30.99 -30.84 10.34
N ASP B 91 -30.55 -32.02 10.80
CA ASP B 91 -29.70 -32.09 11.98
C ASP B 91 -28.41 -31.31 11.77
N ARG B 92 -27.81 -31.40 10.58
CA ARG B 92 -26.55 -30.71 10.32
C ARG B 92 -26.75 -29.20 10.25
N ASP B 93 -27.87 -28.76 9.66
CA ASP B 93 -28.26 -27.35 9.71
C ASP B 93 -28.27 -26.85 11.15
N GLU B 94 -28.99 -27.56 12.01
CA GLU B 94 -29.08 -27.16 13.42
C GLU B 94 -27.71 -27.22 14.08
N LEU B 95 -26.98 -28.32 13.86
CA LEU B 95 -25.65 -28.44 14.45
C LEU B 95 -24.75 -27.30 14.00
N ASN B 96 -24.83 -26.93 12.73
CA ASN B 96 -23.98 -25.85 12.24
C ASN B 96 -24.31 -24.52 12.90
N SER B 97 -25.54 -24.36 13.42
CA SER B 97 -25.91 -23.12 14.05
C SER B 97 -25.18 -22.88 15.36
N LEU B 98 -24.44 -23.87 15.89
CA LEU B 98 -23.67 -23.63 17.10
C LEU B 98 -22.61 -22.55 16.89
N TRP B 99 -22.15 -22.35 15.66
CA TRP B 99 -21.18 -21.30 15.40
C TRP B 99 -21.74 -19.89 15.61
N SER B 100 -23.05 -19.76 15.79
CA SER B 100 -23.65 -18.50 16.21
C SER B 100 -23.99 -18.48 17.68
N LYS B 101 -23.53 -19.49 18.45
CA LYS B 101 -23.94 -19.69 19.84
C LYS B 101 -22.75 -20.01 20.76
N LEU B 102 -21.55 -19.62 20.35
CA LEU B 102 -20.33 -19.99 21.06
C LEU B 102 -20.31 -19.42 22.47
N ILE B 103 -19.88 -20.25 23.42
CA ILE B 103 -20.00 -19.94 24.84
C ILE B 103 -18.80 -19.06 25.26
N PRO B 104 -19.05 -17.92 25.90
CA PRO B 104 -17.91 -17.07 26.32
C PRO B 104 -17.08 -17.74 27.40
N TRP B 105 -15.78 -17.44 27.39
CA TRP B 105 -14.98 -17.75 28.58
C TRP B 105 -15.53 -16.94 29.74
N ASP B 106 -15.31 -17.43 30.96
CA ASP B 106 -15.87 -16.79 32.15
C ASP B 106 -15.41 -15.35 32.32
N ASP B 107 -14.19 -15.03 31.87
CA ASP B 107 -13.65 -13.67 32.03
C ASP B 107 -14.11 -12.69 30.95
N THR B 108 -14.73 -13.17 29.87
CA THR B 108 -14.98 -12.32 28.71
C THR B 108 -15.96 -11.18 29.02
N ALA B 109 -17.17 -11.51 29.50
CA ALA B 109 -18.17 -10.46 29.75
C ALA B 109 -17.71 -9.43 30.79
N PRO B 110 -17.30 -9.80 32.01
CA PRO B 110 -16.78 -8.78 32.94
C PRO B 110 -15.65 -7.96 32.35
N GLY B 111 -14.69 -8.60 31.68
CA GLY B 111 -13.59 -7.85 31.09
C GLY B 111 -14.06 -6.87 30.04
N LEU B 112 -15.01 -7.31 29.19
CA LEU B 112 -15.52 -6.44 28.14
C LEU B 112 -16.27 -5.26 28.72
N ALA B 113 -17.04 -5.49 29.78
CA ALA B 113 -17.79 -4.39 30.37
C ALA B 113 -16.85 -3.34 30.97
N ARG B 114 -15.78 -3.79 31.64
CA ARG B 114 -14.84 -2.84 32.22
C ARG B 114 -14.12 -2.06 31.15
N LEU B 115 -13.70 -2.73 30.07
CA LEU B 115 -12.99 -2.02 29.01
C LEU B 115 -13.88 -1.02 28.30
N ARG B 116 -15.18 -1.32 28.18
CA ARG B 116 -16.06 -0.41 27.46
C ARG B 116 -16.35 0.84 28.28
N SER B 117 -16.15 0.79 29.59
CA SER B 117 -16.35 1.99 30.39
C SER B 117 -15.24 3.00 30.19
N LYS B 118 -14.13 2.59 29.61
CA LYS B 118 -12.99 3.45 29.38
C LYS B 118 -12.66 3.67 27.91
N TYR B 119 -12.99 2.73 27.03
CA TYR B 119 -12.60 2.77 25.63
C TYR B 119 -13.80 2.50 24.76
N ILE B 120 -13.69 2.89 23.49
CA ILE B 120 -14.56 2.33 22.45
C ILE B 120 -14.16 0.88 22.19
N THR B 121 -15.16 -0.01 22.09
CA THR B 121 -14.85 -1.42 21.89
C THR B 121 -15.68 -1.98 20.74
N SER B 122 -15.08 -2.93 20.02
CA SER B 122 -15.70 -3.48 18.82
C SER B 122 -15.11 -4.86 18.60
N THR B 123 -15.91 -5.76 18.03
CA THR B 123 -15.33 -6.96 17.46
C THR B 123 -14.55 -6.61 16.20
N LEU B 124 -13.62 -7.48 15.82
CA LEU B 124 -13.04 -7.45 14.49
C LEU B 124 -12.56 -8.87 14.21
N SER B 125 -13.48 -9.71 13.71
CA SER B 125 -13.15 -11.10 13.45
C SER B 125 -13.48 -11.46 12.02
N ASN B 126 -13.20 -12.72 11.65
CA ASN B 126 -13.37 -13.19 10.28
C ASN B 126 -14.76 -13.74 9.97
N GLY B 127 -15.58 -14.05 10.98
CA GLY B 127 -16.86 -14.68 10.72
C GLY B 127 -17.90 -13.74 10.14
N SER B 128 -19.08 -14.29 9.89
CA SER B 128 -20.20 -13.50 9.39
C SER B 128 -20.64 -12.48 10.42
N MET B 129 -21.12 -11.33 9.94
CA MET B 129 -21.80 -10.38 10.81
C MET B 129 -22.92 -11.06 11.60
N ALA B 130 -23.73 -11.89 10.92
CA ALA B 130 -24.89 -12.49 11.57
C ALA B 130 -24.50 -13.35 12.76
N SER B 131 -23.43 -14.11 12.66
CA SER B 131 -23.05 -15.01 13.74
C SER B 131 -22.41 -14.29 14.91
N VAL B 132 -21.56 -13.31 14.65
CA VAL B 132 -20.85 -12.63 15.72
C VAL B 132 -21.86 -11.84 16.52
N LEU B 133 -22.80 -11.22 15.81
CA LEU B 133 -23.85 -10.47 16.48
C LEU B 133 -24.63 -11.38 17.41
N ARG B 134 -24.97 -12.58 16.94
CA ARG B 134 -25.72 -13.52 17.76
C ARG B 134 -24.90 -14.04 18.92
N ILE B 135 -23.62 -14.33 18.71
CA ILE B 135 -22.75 -14.81 19.76
C ILE B 135 -22.73 -13.76 20.85
N SER B 136 -22.55 -12.50 20.46
CA SER B 136 -22.43 -11.44 21.46
C SER B 136 -23.75 -11.19 22.17
N LYS B 137 -24.86 -11.30 21.44
CA LYS B 137 -26.17 -11.12 22.06
C LYS B 137 -26.51 -12.27 23.01
N LEU B 138 -26.36 -13.51 22.54
CA LEU B 138 -26.63 -14.66 23.41
C LEU B 138 -25.73 -14.67 24.63
N GLY B 139 -24.47 -14.30 24.46
CA GLY B 139 -23.52 -14.33 25.56
C GLY B 139 -23.49 -13.09 26.41
N ALA B 140 -24.39 -12.14 26.15
CA ALA B 140 -24.42 -10.86 26.85
C ALA B 140 -23.06 -10.17 26.83
N LEU B 141 -22.39 -10.23 25.67
CA LEU B 141 -21.11 -9.56 25.49
C LEU B 141 -21.35 -8.12 25.02
N PRO B 142 -21.00 -7.10 25.80
CA PRO B 142 -21.25 -5.71 25.37
C PRO B 142 -20.15 -5.20 24.47
N PHE B 143 -20.55 -4.46 23.44
CA PHE B 143 -19.61 -3.80 22.53
C PHE B 143 -20.23 -2.50 22.08
N ASP B 144 -19.39 -1.55 21.69
CA ASP B 144 -19.94 -0.38 21.01
C ASP B 144 -20.24 -0.66 19.54
N ALA B 145 -19.55 -1.62 18.92
CA ALA B 145 -19.86 -1.95 17.52
C ALA B 145 -19.52 -3.41 17.25
N ILE B 146 -20.13 -3.94 16.22
CA ILE B 146 -19.84 -5.28 15.73
C ILE B 146 -19.30 -5.11 14.31
N LEU B 147 -18.02 -5.44 14.11
CA LEU B 147 -17.40 -5.47 12.79
C LEU B 147 -16.81 -6.85 12.53
N THR B 148 -16.98 -7.33 11.30
CA THR B 148 -16.26 -8.51 10.85
C THR B 148 -15.73 -8.27 9.43
N ALA B 149 -14.78 -9.11 9.04
CA ALA B 149 -14.17 -9.04 7.73
C ALA B 149 -15.18 -9.28 6.62
N GLU B 150 -16.36 -9.80 6.96
CA GLU B 150 -17.40 -9.96 5.96
C GLU B 150 -17.78 -8.63 5.33
N LEU B 151 -17.59 -7.53 6.07
CA LEU B 151 -18.00 -6.21 5.57
C LEU B 151 -17.11 -5.72 4.44
N VAL B 152 -15.92 -6.31 4.26
CA VAL B 152 -15.13 -6.06 3.07
C VAL B 152 -14.88 -7.35 2.29
N ARG B 153 -15.74 -8.35 2.52
CA ARG B 153 -15.65 -9.65 1.83
C ARG B 153 -14.23 -10.20 1.80
N SER B 154 -13.58 -10.23 2.97
CA SER B 154 -12.21 -10.78 3.04
C SER B 154 -11.97 -11.50 4.37
N SER B 155 -10.72 -11.53 4.82
CA SER B 155 -10.37 -12.16 6.09
C SER B 155 -9.06 -11.53 6.56
N LYS B 156 -8.93 -11.36 7.87
CA LYS B 156 -7.59 -11.14 8.41
C LYS B 156 -6.67 -12.25 7.90
N PRO B 157 -5.42 -11.95 7.56
CA PRO B 157 -4.72 -10.69 7.83
C PRO B 157 -4.79 -9.62 6.73
N ASP B 158 -5.74 -9.72 5.81
CA ASP B 158 -5.88 -8.72 4.76
C ASP B 158 -5.88 -7.32 5.37
N PRO B 159 -5.01 -6.41 4.93
CA PRO B 159 -4.99 -5.06 5.50
C PRO B 159 -6.33 -4.34 5.39
N LYS B 160 -7.15 -4.65 4.38
CA LYS B 160 -8.48 -4.07 4.28
C LYS B 160 -9.31 -4.29 5.54
N VAL B 161 -9.12 -5.43 6.22
CA VAL B 161 -9.94 -5.68 7.41
C VAL B 161 -9.56 -4.73 8.54
N TYR B 162 -8.27 -4.55 8.77
CA TYR B 162 -7.83 -3.61 9.80
C TYR B 162 -8.18 -2.16 9.42
N GLN B 163 -8.06 -1.81 8.13
CA GLN B 163 -8.45 -0.47 7.72
C GLN B 163 -9.95 -0.24 7.92
N LEU B 164 -10.77 -1.28 7.70
CA LEU B 164 -12.19 -1.19 8.04
C LEU B 164 -12.41 -0.75 9.48
N ALA B 165 -11.60 -1.29 10.39
CA ALA B 165 -11.76 -0.96 11.81
C ALA B 165 -11.44 0.51 12.06
N LEU B 166 -10.33 0.99 11.50
CA LEU B 166 -9.96 2.39 11.67
C LEU B 166 -10.95 3.33 11.01
N ASP B 167 -11.39 3.00 9.78
CA ASP B 167 -12.33 3.86 9.08
C ASP B 167 -13.66 3.91 9.82
N SER B 168 -14.08 2.78 10.40
CA SER B 168 -15.40 2.70 11.00
C SER B 168 -15.45 3.47 12.31
N VAL B 169 -14.40 3.38 13.12
CA VAL B 169 -14.38 4.05 14.41
C VAL B 169 -13.81 5.45 14.30
N GLY B 170 -13.17 5.78 13.16
CA GLY B 170 -12.71 7.12 12.90
C GLY B 170 -11.45 7.48 13.68
N ILE B 171 -10.47 6.57 13.74
CA ILE B 171 -9.26 6.80 14.52
C ILE B 171 -8.04 6.37 13.71
N GLU B 172 -6.87 6.73 14.20
CA GLU B 172 -5.63 6.33 13.57
C GLU B 172 -5.13 5.03 14.17
N ALA B 173 -4.23 4.38 13.43
CA ALA B 173 -3.74 3.06 13.81
C ALA B 173 -3.16 3.07 15.23
N HIS B 174 -2.37 4.09 15.56
CA HIS B 174 -1.73 4.08 16.87
C HIS B 174 -2.70 4.32 18.02
N GLN B 175 -3.94 4.71 17.73
CA GLN B 175 -4.99 4.91 18.71
C GLN B 175 -5.84 3.66 18.89
N ALA B 176 -5.46 2.57 18.23
CA ALA B 176 -6.26 1.37 18.16
C ALA B 176 -5.43 0.20 18.66
N MET B 177 -6.13 -0.79 19.23
CA MET B 177 -5.50 -1.99 19.74
C MET B 177 -6.25 -3.21 19.26
N MET B 178 -5.53 -4.13 18.64
CA MET B 178 -6.06 -5.43 18.26
C MET B 178 -5.86 -6.39 19.41
N VAL B 179 -6.94 -7.09 19.79
CA VAL B 179 -6.90 -8.06 20.88
C VAL B 179 -7.21 -9.43 20.31
N ALA B 180 -6.32 -10.40 20.53
CA ALA B 180 -6.48 -11.73 19.96
C ALA B 180 -5.68 -12.76 20.75
N CYS B 181 -6.11 -14.01 20.63
CA CYS B 181 -5.28 -15.14 21.06
C CYS B 181 -4.57 -15.82 19.89
N HIS B 182 -4.50 -15.18 18.72
CA HIS B 182 -3.82 -15.76 17.56
C HIS B 182 -2.72 -14.82 17.09
N LYS B 183 -1.50 -15.37 16.92
CA LYS B 183 -0.35 -14.50 16.68
C LYS B 183 -0.34 -13.91 15.27
N TYR B 184 -0.84 -14.65 14.26
CA TYR B 184 -0.84 -14.10 12.90
C TYR B 184 -1.62 -12.79 12.85
N ASP B 185 -2.68 -12.72 13.66
CA ASP B 185 -3.56 -11.55 13.72
C ASP B 185 -2.84 -10.36 14.33
N LEU B 186 -2.23 -10.54 15.51
CA LEU B 186 -1.53 -9.44 16.14
C LEU B 186 -0.32 -9.01 15.32
N GLN B 187 0.35 -9.97 14.69
CA GLN B 187 1.49 -9.66 13.85
C GLN B 187 1.10 -8.70 12.72
N ALA B 188 -0.01 -8.99 12.05
CA ALA B 188 -0.43 -8.14 10.94
C ALA B 188 -0.86 -6.77 11.44
N ALA B 189 -1.66 -6.73 12.50
CA ALA B 189 -2.11 -5.43 13.04
C ALA B 189 -0.92 -4.60 13.50
N LYS B 190 0.05 -5.23 14.17
CA LYS B 190 1.24 -4.52 14.61
C LYS B 190 1.97 -3.88 13.44
N ARG B 191 2.17 -4.63 12.37
CA ARG B 191 2.86 -4.09 11.20
C ARG B 191 2.09 -2.93 10.60
N LEU B 192 0.79 -2.82 10.86
CA LEU B 192 0.04 -1.69 10.34
C LEU B 192 -0.07 -0.54 11.35
N GLY B 193 0.70 -0.59 12.44
CA GLY B 193 0.74 0.49 13.42
C GLY B 193 -0.22 0.38 14.59
N PHE B 194 -0.97 -0.72 14.70
CA PHE B 194 -1.87 -0.91 15.84
C PHE B 194 -1.04 -1.22 17.08
N LYS B 195 -1.59 -0.90 18.26
CA LYS B 195 -1.14 -1.61 19.46
C LYS B 195 -1.76 -3.01 19.45
N VAL B 196 -1.12 -3.95 20.15
CA VAL B 196 -1.65 -5.30 20.18
C VAL B 196 -1.63 -5.87 21.60
N ALA B 197 -2.63 -6.67 21.92
CA ALA B 197 -2.69 -7.34 23.21
C ALA B 197 -3.00 -8.80 22.96
N PHE B 198 -2.17 -9.68 23.53
CA PHE B 198 -2.35 -11.12 23.40
C PHE B 198 -3.02 -11.64 24.66
N ILE B 199 -4.09 -12.38 24.48
CA ILE B 199 -4.74 -13.08 25.57
C ILE B 199 -4.41 -14.56 25.39
N ALA B 200 -3.63 -15.14 26.31
CA ALA B 200 -3.33 -16.55 26.22
C ALA B 200 -4.61 -17.35 26.43
N ARG B 201 -4.85 -18.34 25.56
CA ARG B 201 -6.03 -19.21 25.65
C ARG B 201 -5.56 -20.65 25.60
N PRO B 202 -5.03 -21.16 26.70
CA PRO B 202 -4.45 -22.51 26.66
C PRO B 202 -5.45 -23.63 26.39
N PHE B 203 -6.75 -23.38 26.56
CA PHE B 203 -7.76 -24.41 26.32
C PHE B 203 -8.55 -24.17 25.05
N GLU B 204 -8.05 -23.32 24.14
CA GLU B 204 -8.79 -23.01 22.92
C GLU B 204 -9.15 -24.28 22.16
N PHE B 205 -8.26 -25.27 22.19
CA PHE B 205 -8.52 -26.53 21.52
C PHE B 205 -8.74 -27.66 22.51
N GLY B 206 -9.18 -27.32 23.71
CA GLY B 206 -9.57 -28.31 24.68
C GLY B 206 -8.48 -28.61 25.69
N PRO B 207 -8.77 -29.50 26.64
CA PRO B 207 -7.79 -29.78 27.70
C PRO B 207 -6.68 -30.74 27.30
N ASN B 208 -6.66 -31.26 26.07
CA ASN B 208 -5.74 -32.33 25.70
C ASN B 208 -4.72 -31.94 24.63
N LYS B 209 -4.76 -30.72 24.12
CA LYS B 209 -3.90 -30.30 23.03
C LYS B 209 -3.03 -29.13 23.48
N LYS B 210 -1.75 -29.14 23.08
CA LYS B 210 -0.85 -28.05 23.44
C LYS B 210 -0.95 -26.94 22.39
N VAL B 211 -1.20 -25.73 22.85
CA VAL B 211 -1.33 -24.58 21.97
C VAL B 211 -0.23 -23.60 22.37
N ASP B 212 0.13 -22.74 21.41
CA ASP B 212 1.19 -21.76 21.61
C ASP B 212 0.65 -20.56 22.39
N THR B 213 1.02 -20.44 23.66
CA THR B 213 0.61 -19.29 24.46
C THR B 213 1.77 -18.42 24.89
N LYS B 214 2.97 -18.65 24.33
CA LYS B 214 4.14 -17.90 24.75
C LYS B 214 4.01 -16.42 24.40
N PRO B 215 4.59 -15.54 25.20
CA PRO B 215 4.62 -14.12 24.85
C PRO B 215 5.56 -13.87 23.67
N GLU B 216 5.42 -12.67 23.10
CA GLU B 216 6.31 -12.20 22.05
C GLU B 216 6.73 -10.77 22.36
N GLN B 217 7.93 -10.41 21.91
CA GLN B 217 8.48 -9.09 22.22
C GLN B 217 7.62 -7.96 21.65
N TYR B 218 6.97 -8.19 20.51
CA TYR B 218 6.19 -7.12 19.87
C TYR B 218 4.81 -6.94 20.48
N PHE B 219 4.39 -7.79 21.42
CA PHE B 219 3.11 -7.60 22.11
C PHE B 219 3.21 -6.38 23.01
N ASP B 220 2.30 -5.42 22.83
CA ASP B 220 2.23 -4.32 23.80
C ASP B 220 1.74 -4.80 25.16
N TYR B 221 0.82 -5.77 25.16
CA TYR B 221 0.30 -6.36 26.39
C TYR B 221 0.20 -7.87 26.18
N TYR B 222 0.34 -8.60 27.29
CA TYR B 222 0.23 -10.05 27.33
C TYR B 222 -0.61 -10.39 28.55
N ALA B 223 -1.73 -11.09 28.35
CA ALA B 223 -2.63 -11.31 29.47
C ALA B 223 -3.21 -12.72 29.40
N ASN B 224 -3.71 -13.17 30.54
CA ASN B 224 -4.38 -14.46 30.64
C ASN B 224 -5.88 -14.35 30.67
N SER B 225 -6.43 -13.14 30.54
CA SER B 225 -7.89 -12.98 30.54
C SER B 225 -8.22 -11.54 30.18
N VAL B 226 -9.46 -11.34 29.72
CA VAL B 226 -9.90 -9.99 29.38
C VAL B 226 -9.93 -9.12 30.63
N VAL B 227 -10.30 -9.72 31.77
CA VAL B 227 -10.29 -8.98 33.02
C VAL B 227 -8.88 -8.53 33.35
N GLU B 228 -7.88 -9.40 33.14
CA GLU B 228 -6.50 -9.01 33.40
C GLU B 228 -6.07 -7.89 32.46
N LEU B 229 -6.48 -7.96 31.18
CA LEU B 229 -6.16 -6.88 30.25
C LEU B 229 -6.80 -5.57 30.71
N ALA B 230 -8.03 -5.63 31.22
CA ALA B 230 -8.68 -4.45 31.77
C ALA B 230 -7.86 -3.82 32.90
N GLY B 231 -7.33 -4.63 33.81
CA GLY B 231 -6.47 -4.08 34.86
C GLY B 231 -5.22 -3.41 34.31
N MET B 232 -4.57 -4.06 33.35
CA MET B 232 -3.39 -3.46 32.70
C MET B 232 -3.71 -2.15 32.01
N LEU B 233 -4.93 -1.98 31.51
CA LEU B 233 -5.29 -0.74 30.82
C LEU B 233 -5.93 0.28 31.76
N GLY B 234 -5.91 0.05 33.06
CA GLY B 234 -6.46 1.01 33.99
C GLY B 234 -7.96 1.09 34.00
N ALA B 235 -8.65 0.08 33.46
CA ALA B 235 -10.10 0.08 33.41
C ALA B 235 -10.73 -0.53 34.66
N LEU B 236 -9.96 -0.68 35.73
CA LEU B 236 -10.44 -1.09 37.05
C LEU B 236 -11.84 -0.58 37.39
N GLY C 2 33.29 6.24 5.23
CA GLY C 2 32.06 5.63 5.70
C GLY C 2 30.98 5.55 4.63
N LEU C 3 30.07 6.52 4.66
CA LEU C 3 28.98 6.54 3.70
C LEU C 3 29.52 6.79 2.30
N LYS C 4 29.17 5.91 1.36
CA LYS C 4 29.68 5.95 0.00
C LYS C 4 28.59 6.19 -1.05
N ALA C 5 27.38 5.68 -0.82
CA ALA C 5 26.36 5.74 -1.87
C ALA C 5 24.98 5.91 -1.26
N LEU C 6 24.13 6.67 -1.95
CA LEU C 6 22.74 6.87 -1.56
C LEU C 6 21.85 6.28 -2.63
N PHE C 7 20.86 5.51 -2.21
CA PHE C 7 19.87 4.92 -3.11
C PHE C 7 18.51 5.53 -2.79
N PHE C 8 17.80 5.93 -3.83
CA PHE C 8 16.57 6.71 -3.69
C PHE C 8 15.40 5.92 -4.25
N ASN C 9 14.38 5.72 -3.43
CA ASN C 9 13.06 5.44 -3.95
C ASN C 9 12.64 6.60 -4.85
N VAL C 10 11.65 6.36 -5.72
CA VAL C 10 11.30 7.37 -6.72
C VAL C 10 9.89 7.94 -6.51
N GLN C 11 8.86 7.10 -6.62
CA GLN C 11 7.48 7.59 -6.54
C GLN C 11 7.18 8.12 -5.15
N GLY C 12 6.66 9.34 -5.10
CA GLY C 12 6.45 10.03 -3.83
C GLY C 12 7.72 10.56 -3.22
N THR C 13 8.74 9.69 -3.08
CA THR C 13 10.01 10.11 -2.48
C THR C 13 10.63 11.26 -3.26
N LEU C 14 10.75 11.10 -4.57
CA LEU C 14 11.37 12.09 -5.43
C LEU C 14 10.38 12.84 -6.31
N VAL C 15 9.27 12.21 -6.72
CA VAL C 15 8.36 12.80 -7.68
C VAL C 15 6.93 12.81 -7.14
N ASP C 16 6.15 13.76 -7.61
CA ASP C 16 4.79 14.01 -7.16
C ASP C 16 3.84 13.42 -8.20
N PHE C 17 3.58 12.11 -8.09
CA PHE C 17 2.66 11.46 -9.03
C PHE C 17 1.25 12.05 -8.91
N TYR C 18 0.85 12.45 -7.70
CA TYR C 18 -0.50 12.96 -7.50
C TYR C 18 -0.76 14.18 -8.38
N SER C 19 0.09 15.21 -8.27
CA SER C 19 -0.10 16.38 -9.12
C SER C 19 0.04 16.01 -10.59
N THR C 20 0.95 15.08 -10.93
CA THR C 20 1.12 14.70 -12.33
C THR C 20 -0.18 14.14 -12.91
N ILE C 21 -0.71 13.08 -12.28
CA ILE C 21 -1.90 12.42 -12.81
C ILE C 21 -3.10 13.38 -12.82
N THR C 22 -3.31 14.09 -11.71
CA THR C 22 -4.47 14.98 -11.63
C THR C 22 -4.35 16.15 -12.61
N ARG C 23 -3.19 16.81 -12.64
CA ARG C 23 -3.08 17.99 -13.50
C ARG C 23 -3.08 17.61 -14.97
N GLU C 24 -2.30 16.59 -15.35
CA GLU C 24 -2.30 16.18 -16.76
C GLU C 24 -3.61 15.49 -17.12
N GLY C 25 -4.18 14.71 -16.20
CA GLY C 25 -5.50 14.15 -16.44
C GLY C 25 -6.53 15.21 -16.76
N GLU C 26 -6.52 16.31 -16.00
CA GLU C 26 -7.47 17.39 -16.24
C GLU C 26 -7.27 18.02 -17.62
N ALA C 27 -6.02 18.30 -18.00
CA ALA C 27 -5.75 18.84 -19.33
C ALA C 27 -6.18 17.86 -20.42
N PHE C 28 -5.81 16.59 -20.25
CA PHE C 28 -6.23 15.52 -21.16
C PHE C 28 -7.75 15.48 -21.32
N SER C 29 -8.48 15.65 -20.23
CA SER C 29 -9.93 15.61 -20.32
C SER C 29 -10.49 16.89 -20.94
N ALA C 30 -9.84 18.04 -20.69
CA ALA C 30 -10.37 19.31 -21.17
C ALA C 30 -10.32 19.40 -22.68
N VAL C 31 -9.19 19.04 -23.31
CA VAL C 31 -9.14 19.05 -24.77
C VAL C 31 -10.17 18.11 -25.39
N ARG C 32 -10.63 17.11 -24.64
CA ARG C 32 -11.59 16.16 -25.17
C ARG C 32 -13.04 16.50 -24.80
N GLY C 33 -13.25 17.54 -23.99
CA GLY C 33 -14.59 18.00 -23.69
C GLY C 33 -15.28 17.30 -22.55
N PHE C 34 -14.59 16.48 -21.77
CA PHE C 34 -15.22 15.81 -20.65
C PHE C 34 -14.53 16.21 -19.35
N GLN C 35 -15.20 15.91 -18.26
CA GLN C 35 -14.71 16.23 -16.93
C GLN C 35 -14.74 14.98 -16.06
N ALA C 36 -13.79 14.91 -15.13
CA ALA C 36 -13.69 13.75 -14.25
C ALA C 36 -13.14 14.21 -12.92
N ASP C 37 -13.39 13.40 -11.89
CA ASP C 37 -12.72 13.55 -10.61
C ASP C 37 -11.40 12.78 -10.71
N TRP C 38 -10.32 13.52 -11.03
CA TRP C 38 -9.05 12.87 -11.26
C TRP C 38 -8.37 12.42 -9.98
N THR C 39 -8.74 13.00 -8.83
CA THR C 39 -8.26 12.43 -7.57
C THR C 39 -8.74 11.00 -7.44
N THR C 40 -10.05 10.79 -7.66
CA THR C 40 -10.62 9.44 -7.58
C THR C 40 -10.05 8.54 -8.67
N VAL C 41 -9.86 9.06 -9.88
CA VAL C 41 -9.28 8.26 -10.95
C VAL C 41 -7.87 7.82 -10.56
N THR C 42 -7.08 8.75 -9.99
CA THR C 42 -5.74 8.40 -9.54
C THR C 42 -5.76 7.36 -8.43
N GLU C 43 -6.67 7.49 -7.47
CA GLU C 43 -6.73 6.50 -6.40
C GLU C 43 -7.14 5.13 -6.94
N GLN C 44 -8.12 5.11 -7.84
CA GLN C 44 -8.59 3.84 -8.41
C GLN C 44 -7.52 3.20 -9.27
N TRP C 45 -6.77 4.01 -10.03
CA TRP C 45 -5.72 3.50 -10.88
C TRP C 45 -4.60 2.90 -10.06
N ARG C 46 -4.16 3.62 -9.02
CA ARG C 46 -3.14 3.11 -8.11
C ARG C 46 -3.61 1.82 -7.44
N ALA C 47 -4.84 1.82 -6.93
CA ALA C 47 -5.37 0.63 -6.27
C ALA C 47 -5.39 -0.57 -7.20
N GLU C 48 -5.92 -0.39 -8.41
CA GLU C 48 -5.95 -1.48 -9.37
C GLU C 48 -4.54 -1.93 -9.74
N TYR C 49 -3.60 -0.97 -9.86
CA TYR C 49 -2.22 -1.32 -10.16
C TYR C 49 -1.62 -2.17 -9.06
N ARG C 50 -1.81 -1.76 -7.80
CA ARG C 50 -1.24 -2.51 -6.68
C ARG C 50 -1.82 -3.92 -6.60
N SER C 51 -3.10 -4.07 -6.92
CA SER C 51 -3.73 -5.39 -6.83
C SER C 51 -3.13 -6.35 -7.86
N ARG C 52 -2.99 -5.90 -9.10
CA ARG C 52 -2.42 -6.76 -10.14
C ARG C 52 -0.93 -6.99 -9.93
N LEU C 53 -0.21 -5.96 -9.47
CA LEU C 53 1.21 -6.12 -9.18
C LEU C 53 1.43 -7.17 -8.09
N ASP C 54 0.55 -7.21 -7.08
CA ASP C 54 0.69 -8.15 -5.98
C ASP C 54 0.61 -9.59 -6.46
N GLN C 55 -0.16 -9.86 -7.51
CA GLN C 55 -0.21 -11.20 -8.08
C GLN C 55 1.05 -11.51 -8.89
N VAL C 56 1.58 -10.51 -9.61
CA VAL C 56 2.86 -10.67 -10.28
C VAL C 56 3.95 -10.98 -9.26
N ILE C 57 3.98 -10.25 -8.17
CA ILE C 57 4.99 -10.44 -7.16
C ILE C 57 4.96 -11.81 -6.52
N LYS C 58 3.78 -12.28 -6.20
CA LYS C 58 3.66 -13.54 -5.52
C LYS C 58 3.65 -14.67 -6.51
N GLY C 59 3.71 -14.33 -7.78
CA GLY C 59 3.79 -15.36 -8.78
C GLY C 59 2.49 -16.06 -8.99
N GLU C 60 1.39 -15.42 -8.65
CA GLU C 60 0.08 -15.98 -8.91
C GLU C 60 -0.35 -15.54 -10.28
N ARG C 61 0.60 -15.21 -11.15
CA ARG C 61 0.33 -14.74 -12.49
C ARG C 61 1.69 -14.56 -13.13
N PRO C 62 1.75 -14.55 -14.47
CA PRO C 62 3.03 -14.39 -15.18
C PRO C 62 3.72 -13.03 -15.05
N TRP C 63 5.06 -12.97 -15.14
CA TRP C 63 5.74 -11.71 -14.93
C TRP C 63 5.55 -10.76 -16.10
N THR C 64 5.46 -9.47 -15.79
CA THR C 64 5.39 -8.43 -16.81
C THR C 64 5.78 -7.10 -16.18
N THR C 65 6.04 -6.11 -17.03
CA THR C 65 6.57 -4.84 -16.57
C THR C 65 5.50 -4.01 -15.86
N THR C 66 5.95 -3.02 -15.09
CA THR C 66 5.00 -2.14 -14.43
C THR C 66 4.22 -1.31 -15.44
N ASP C 67 4.85 -0.93 -16.56
CA ASP C 67 4.14 -0.13 -17.56
C ASP C 67 2.92 -0.87 -18.10
N ARG C 68 3.06 -2.18 -18.36
CA ARG C 68 1.93 -2.95 -18.86
C ARG C 68 0.86 -3.15 -17.80
N ILE C 69 1.26 -3.30 -16.53
CA ILE C 69 0.27 -3.44 -15.46
C ILE C 69 -0.56 -2.17 -15.32
N TYR C 70 0.11 -1.01 -15.30
CA TYR C 70 -0.61 0.26 -15.29
C TYR C 70 -1.56 0.35 -16.47
N ARG C 71 -1.10 -0.09 -17.64
CA ARG C 71 -1.87 0.02 -18.86
C ARG C 71 -3.15 -0.82 -18.80
N GLU C 72 -3.04 -2.06 -18.30
CA GLU C 72 -4.24 -2.88 -18.18
C GLU C 72 -5.06 -2.50 -16.95
N ALA C 73 -4.42 -2.00 -15.88
CA ALA C 73 -5.18 -1.40 -14.79
C ALA C 73 -6.07 -0.29 -15.33
N LEU C 74 -5.50 0.60 -16.16
CA LEU C 74 -6.25 1.69 -16.77
C LEU C 74 -7.48 1.19 -17.50
N ASP C 75 -7.34 0.12 -18.29
CA ASP C 75 -8.50 -0.49 -18.93
C ASP C 75 -9.51 -0.94 -17.89
N GLY C 76 -9.04 -1.47 -16.77
CA GLY C 76 -9.95 -1.94 -15.73
C GLY C 76 -10.80 -0.81 -15.15
N ILE C 77 -10.16 0.29 -14.79
CA ILE C 77 -10.91 1.35 -14.11
C ILE C 77 -11.71 2.20 -15.09
N LEU C 78 -11.29 2.29 -16.36
CA LEU C 78 -12.02 3.13 -17.30
C LEU C 78 -13.42 2.58 -17.57
N ALA C 79 -13.63 1.27 -17.38
CA ALA C 79 -14.94 0.70 -17.59
C ALA C 79 -15.97 1.21 -16.59
N ASN C 80 -15.53 1.82 -15.49
CA ASN C 80 -16.41 2.35 -14.45
C ASN C 80 -16.63 3.84 -14.58
N HIS C 81 -16.33 4.42 -15.73
CA HIS C 81 -16.55 5.83 -15.99
C HIS C 81 -17.22 5.96 -17.35
N PRO C 82 -18.27 6.78 -17.47
CA PRO C 82 -19.00 6.81 -18.74
C PRO C 82 -18.20 7.43 -19.86
N TRP C 83 -17.23 8.28 -19.55
CA TRP C 83 -16.33 8.85 -20.56
C TRP C 83 -15.23 7.89 -21.00
N GLY C 84 -14.99 6.81 -20.25
CA GLY C 84 -13.90 5.91 -20.60
C GLY C 84 -14.03 5.31 -21.98
N ALA C 85 -15.27 5.10 -22.45
CA ALA C 85 -15.51 4.42 -23.71
C ALA C 85 -15.06 5.25 -24.92
N SER C 86 -15.09 6.57 -24.81
CA SER C 86 -14.62 7.45 -25.88
C SER C 86 -13.11 7.45 -26.04
N LEU C 87 -12.37 6.86 -25.10
CA LEU C 87 -10.92 6.83 -25.17
C LEU C 87 -10.48 5.59 -25.96
N ASN C 88 -9.86 5.80 -27.11
CA ASN C 88 -9.36 4.68 -27.87
C ASN C 88 -8.02 4.22 -27.29
N SER C 89 -7.40 3.23 -27.95
CA SER C 89 -6.15 2.68 -27.45
C SER C 89 -5.04 3.73 -27.44
N ALA C 90 -4.98 4.56 -28.48
CA ALA C 90 -3.98 5.62 -28.51
C ALA C 90 -4.19 6.61 -27.37
N ASP C 91 -5.46 6.93 -27.08
CA ASP C 91 -5.76 7.82 -25.95
C ASP C 91 -5.26 7.24 -24.64
N ARG C 92 -5.48 5.94 -24.45
CA ARG C 92 -5.14 5.31 -23.18
C ARG C 92 -3.64 5.11 -23.04
N ASP C 93 -2.94 4.91 -24.16
CA ASP C 93 -1.48 4.90 -24.13
C ASP C 93 -0.93 6.26 -23.71
N GLU C 94 -1.53 7.35 -24.23
CA GLU C 94 -1.08 8.68 -23.84
C GLU C 94 -1.25 8.90 -22.34
N LEU C 95 -2.41 8.52 -21.81
CA LEU C 95 -2.64 8.65 -20.37
C LEU C 95 -1.68 7.76 -19.59
N ASN C 96 -1.49 6.52 -20.05
CA ASN C 96 -0.56 5.62 -19.37
C ASN C 96 0.86 6.15 -19.37
N SER C 97 1.24 6.95 -20.38
CA SER C 97 2.61 7.45 -20.42
C SER C 97 2.90 8.42 -19.28
N LEU C 98 1.86 8.95 -18.62
CA LEU C 98 2.07 9.86 -17.50
C LEU C 98 2.88 9.20 -16.38
N TRP C 99 2.79 7.87 -16.24
CA TRP C 99 3.57 7.21 -15.20
C TRP C 99 5.07 7.20 -15.50
N SER C 100 5.46 7.56 -16.72
CA SER C 100 6.86 7.81 -17.04
C SER C 100 7.16 9.31 -17.16
N LYS C 101 6.27 10.16 -16.64
CA LYS C 101 6.44 11.59 -16.76
C LYS C 101 6.23 12.30 -15.42
N LEU C 102 6.40 11.57 -14.30
CA LEU C 102 6.05 12.12 -12.99
C LEU C 102 6.94 13.32 -12.65
N ILE C 103 6.30 14.36 -12.13
CA ILE C 103 6.93 15.67 -11.93
C ILE C 103 7.72 15.66 -10.62
N PRO C 104 8.98 16.09 -10.62
CA PRO C 104 9.74 16.14 -9.36
C PRO C 104 9.19 17.19 -8.40
N TRP C 105 9.32 16.91 -7.10
CA TRP C 105 9.17 17.98 -6.12
C TRP C 105 10.25 19.04 -6.36
N ASP C 106 9.94 20.27 -5.93
CA ASP C 106 10.83 21.40 -6.18
C ASP C 106 12.22 21.18 -5.59
N ASP C 107 12.32 20.51 -4.45
CA ASP C 107 13.61 20.27 -3.80
C ASP C 107 14.42 19.14 -4.43
N THR C 108 13.82 18.31 -5.28
CA THR C 108 14.46 17.06 -5.66
C THR C 108 15.73 17.28 -6.48
N ALA C 109 15.63 18.03 -7.58
CA ALA C 109 16.78 18.21 -8.46
C ALA C 109 17.94 18.94 -7.78
N PRO C 110 17.73 20.08 -7.09
CA PRO C 110 18.88 20.70 -6.40
C PRO C 110 19.47 19.82 -5.30
N GLY C 111 18.62 19.09 -4.57
CA GLY C 111 19.15 18.20 -3.56
C GLY C 111 19.96 17.05 -4.14
N LEU C 112 19.48 16.45 -5.23
CA LEU C 112 20.21 15.35 -5.85
C LEU C 112 21.56 15.81 -6.39
N ALA C 113 21.61 17.00 -6.99
CA ALA C 113 22.86 17.51 -7.55
C ALA C 113 23.89 17.75 -6.46
N ARG C 114 23.46 18.29 -5.33
CA ARG C 114 24.38 18.49 -4.22
C ARG C 114 24.88 17.16 -3.68
N LEU C 115 23.98 16.19 -3.52
CA LEU C 115 24.39 14.90 -2.95
C LEU C 115 25.33 14.17 -3.89
N ARG C 116 25.15 14.33 -5.20
CA ARG C 116 26.00 13.63 -6.15
C ARG C 116 27.42 14.18 -6.16
N SER C 117 27.60 15.45 -5.80
CA SER C 117 28.94 16.00 -5.64
C SER C 117 29.71 15.32 -4.50
N LYS C 118 29.03 14.68 -3.56
CA LYS C 118 29.68 14.11 -2.40
C LYS C 118 29.63 12.59 -2.34
N TYR C 119 28.61 11.98 -2.94
CA TYR C 119 28.39 10.55 -2.86
C TYR C 119 28.11 9.99 -4.24
N ILE C 120 28.22 8.67 -4.36
CA ILE C 120 27.61 7.96 -5.49
C ILE C 120 26.11 7.95 -5.26
N THR C 121 25.33 8.25 -6.31
CA THR C 121 23.88 8.29 -6.16
C THR C 121 23.23 7.44 -7.24
N SER C 122 22.13 6.79 -6.87
CA SER C 122 21.40 5.89 -7.74
C SER C 122 19.95 5.83 -7.28
N THR C 123 19.05 5.59 -8.23
CA THR C 123 17.72 5.17 -7.84
C THR C 123 17.74 3.74 -7.33
N LEU C 124 16.73 3.38 -6.54
CA LEU C 124 16.43 1.97 -6.26
C LEU C 124 14.93 1.90 -5.96
N SER C 125 14.14 1.70 -7.02
CA SER C 125 12.70 1.73 -6.90
C SER C 125 12.11 0.47 -7.53
N ASN C 126 10.78 0.34 -7.45
CA ASN C 126 10.11 -0.85 -7.96
C ASN C 126 9.64 -0.72 -9.40
N GLY C 127 9.61 0.49 -9.95
CA GLY C 127 9.09 0.66 -11.30
C GLY C 127 10.00 0.08 -12.36
N SER C 128 9.50 0.07 -13.59
CA SER C 128 10.31 -0.34 -14.72
C SER C 128 11.53 0.57 -14.86
N MET C 129 12.62 -0.02 -15.35
CA MET C 129 13.77 0.79 -15.72
C MET C 129 13.37 1.87 -16.72
N ALA C 130 12.52 1.50 -17.70
CA ALA C 130 12.14 2.44 -18.74
C ALA C 130 11.47 3.68 -18.16
N SER C 131 10.57 3.50 -17.19
CA SER C 131 9.85 4.64 -16.64
C SER C 131 10.76 5.50 -15.78
N VAL C 132 11.58 4.88 -14.92
CA VAL C 132 12.43 5.64 -14.02
C VAL C 132 13.51 6.40 -14.80
N LEU C 133 14.09 5.75 -15.82
CA LEU C 133 15.01 6.43 -16.73
C LEU C 133 14.36 7.67 -17.35
N ARG C 134 13.10 7.54 -17.78
CA ARG C 134 12.43 8.65 -18.45
C ARG C 134 11.99 9.73 -17.48
N ILE C 135 11.53 9.35 -16.29
CA ILE C 135 11.20 10.34 -15.26
C ILE C 135 12.43 11.20 -14.96
N SER C 136 13.58 10.57 -14.80
CA SER C 136 14.79 11.29 -14.40
C SER C 136 15.28 12.17 -15.53
N LYS C 137 15.18 11.69 -16.77
CA LYS C 137 15.61 12.50 -17.91
C LYS C 137 14.68 13.71 -18.08
N LEU C 138 13.37 13.47 -18.11
CA LEU C 138 12.42 14.57 -18.26
C LEU C 138 12.55 15.58 -17.12
N GLY C 139 12.71 15.08 -15.90
CA GLY C 139 12.83 15.99 -14.78
C GLY C 139 14.22 16.50 -14.50
N ALA C 140 15.19 16.14 -15.34
CA ALA C 140 16.58 16.55 -15.18
C ALA C 140 17.10 16.20 -13.79
N LEU C 141 16.80 14.98 -13.35
CA LEU C 141 17.31 14.50 -12.07
C LEU C 141 18.64 13.82 -12.30
N PRO C 142 19.74 14.34 -11.75
CA PRO C 142 21.04 13.69 -11.97
C PRO C 142 21.23 12.48 -11.05
N PHE C 143 21.77 11.42 -11.62
CA PHE C 143 22.13 10.23 -10.87
C PHE C 143 23.40 9.64 -11.47
N ASP C 144 24.15 8.92 -10.65
CA ASP C 144 25.25 8.17 -11.23
C ASP C 144 24.80 6.85 -11.86
N ALA C 145 23.67 6.30 -11.41
CA ALA C 145 23.12 5.10 -12.04
C ALA C 145 21.62 5.08 -11.84
N ILE C 146 20.95 4.28 -12.68
CA ILE C 146 19.51 4.04 -12.59
C ILE C 146 19.35 2.55 -12.30
N LEU C 147 18.85 2.22 -11.13
CA LEU C 147 18.58 0.83 -10.77
C LEU C 147 17.13 0.71 -10.35
N THR C 148 16.46 -0.36 -10.79
CA THR C 148 15.16 -0.67 -10.24
C THR C 148 15.05 -2.18 -10.01
N ALA C 149 14.05 -2.55 -9.22
CA ALA C 149 13.80 -3.95 -8.91
C ALA C 149 13.48 -4.77 -10.15
N GLU C 150 13.17 -4.13 -11.27
CA GLU C 150 12.99 -4.84 -12.54
C GLU C 150 14.24 -5.67 -12.89
N LEU C 151 15.43 -5.16 -12.56
CA LEU C 151 16.66 -5.86 -12.93
C LEU C 151 16.80 -7.23 -12.28
N VAL C 152 16.09 -7.48 -11.19
CA VAL C 152 16.01 -8.81 -10.59
C VAL C 152 14.57 -9.33 -10.58
N ARG C 153 13.71 -8.72 -11.42
CA ARG C 153 12.32 -9.17 -11.59
C ARG C 153 11.64 -9.40 -10.25
N SER C 154 11.79 -8.46 -9.35
CA SER C 154 11.19 -8.57 -8.03
C SER C 154 10.73 -7.18 -7.61
N SER C 155 10.65 -6.94 -6.31
CA SER C 155 10.30 -5.62 -5.81
C SER C 155 10.64 -5.53 -4.32
N LYS C 156 10.98 -4.32 -3.88
CA LYS C 156 11.18 -4.13 -2.45
C LYS C 156 9.92 -4.57 -1.71
N PRO C 157 10.06 -5.13 -0.50
CA PRO C 157 11.30 -5.23 0.29
C PRO C 157 12.08 -6.54 0.11
N ASP C 158 11.96 -7.20 -1.03
CA ASP C 158 12.74 -8.40 -1.30
C ASP C 158 14.22 -8.12 -1.11
N PRO C 159 14.92 -8.87 -0.24
CA PRO C 159 16.36 -8.64 -0.04
C PRO C 159 17.17 -8.58 -1.33
N LYS C 160 16.77 -9.31 -2.38
CA LYS C 160 17.53 -9.31 -3.62
C LYS C 160 17.62 -7.93 -4.25
N VAL C 161 16.63 -7.07 -4.03
CA VAL C 161 16.65 -5.73 -4.61
C VAL C 161 17.71 -4.87 -3.94
N TYR C 162 17.82 -4.97 -2.60
CA TYR C 162 18.87 -4.23 -1.91
C TYR C 162 20.25 -4.80 -2.24
N GLN C 163 20.36 -6.12 -2.37
CA GLN C 163 21.65 -6.70 -2.72
C GLN C 163 22.09 -6.27 -4.11
N LEU C 164 21.13 -6.16 -5.05
CA LEU C 164 21.42 -5.60 -6.36
C LEU C 164 22.05 -4.21 -6.26
N ALA C 165 21.56 -3.39 -5.31
CA ALA C 165 22.17 -2.09 -5.10
C ALA C 165 23.62 -2.21 -4.67
N LEU C 166 23.88 -3.03 -3.65
CA LEU C 166 25.25 -3.20 -3.19
C LEU C 166 26.14 -3.83 -4.26
N ASP C 167 25.64 -4.86 -4.96
CA ASP C 167 26.46 -5.51 -5.99
C ASP C 167 26.74 -4.57 -7.17
N SER C 168 25.74 -3.78 -7.57
CA SER C 168 25.92 -2.90 -8.73
C SER C 168 26.92 -1.78 -8.43
N VAL C 169 26.90 -1.26 -7.21
CA VAL C 169 27.79 -0.16 -6.88
C VAL C 169 29.11 -0.65 -6.28
N GLY C 170 29.15 -1.88 -5.79
CA GLY C 170 30.39 -2.44 -5.27
C GLY C 170 30.75 -1.95 -3.90
N ILE C 171 29.76 -1.81 -3.01
CA ILE C 171 29.97 -1.36 -1.64
C ILE C 171 29.32 -2.36 -0.69
N GLU C 172 29.60 -2.20 0.60
CA GLU C 172 29.00 -3.00 1.66
C GLU C 172 27.80 -2.26 2.23
N ALA C 173 26.96 -3.00 2.98
CA ALA C 173 25.66 -2.44 3.39
C ALA C 173 25.83 -1.21 4.29
N HIS C 174 26.81 -1.24 5.18
CA HIS C 174 27.04 -0.08 6.05
C HIS C 174 27.56 1.15 5.30
N GLN C 175 27.97 0.99 4.04
CA GLN C 175 28.43 2.10 3.22
C GLN C 175 27.33 2.70 2.36
N ALA C 176 26.12 2.16 2.44
CA ALA C 176 25.02 2.59 1.60
C ALA C 176 23.91 3.14 2.49
N MET C 177 23.17 4.10 1.96
CA MET C 177 21.99 4.63 2.63
C MET C 177 20.78 4.53 1.71
N MET C 178 19.70 3.96 2.21
CA MET C 178 18.42 3.95 1.52
C MET C 178 17.65 5.22 1.88
N VAL C 179 17.14 5.91 0.86
CA VAL C 179 16.40 7.15 1.04
C VAL C 179 15.00 6.96 0.48
N ALA C 180 13.97 7.19 1.32
CA ALA C 180 12.59 6.99 0.89
C ALA C 180 11.65 7.77 1.78
N CYS C 181 10.42 7.97 1.28
CA CYS C 181 9.33 8.52 2.08
C CYS C 181 8.39 7.45 2.57
N HIS C 182 8.71 6.17 2.37
CA HIS C 182 7.88 5.05 2.79
C HIS C 182 8.64 4.22 3.82
N LYS C 183 7.99 3.94 4.96
CA LYS C 183 8.71 3.33 6.06
C LYS C 183 9.01 1.84 5.84
N TYR C 184 8.12 1.10 5.15
CA TYR C 184 8.39 -0.32 4.89
C TYR C 184 9.75 -0.49 4.22
N ASP C 185 10.09 0.44 3.32
CA ASP C 185 11.34 0.39 2.57
C ASP C 185 12.55 0.58 3.48
N LEU C 186 12.52 1.62 4.33
CA LEU C 186 13.64 1.89 5.23
C LEU C 186 13.76 0.82 6.30
N GLN C 187 12.65 0.24 6.73
CA GLN C 187 12.72 -0.83 7.70
C GLN C 187 13.47 -2.04 7.16
N ALA C 188 13.13 -2.47 5.93
CA ALA C 188 13.83 -3.62 5.36
C ALA C 188 15.30 -3.30 5.10
N ALA C 189 15.60 -2.11 4.59
CA ALA C 189 16.99 -1.75 4.32
C ALA C 189 17.80 -1.68 5.62
N LYS C 190 17.23 -1.03 6.63
CA LYS C 190 17.88 -0.98 7.94
C LYS C 190 18.20 -2.39 8.44
N ARG C 191 17.22 -3.30 8.38
CA ARG C 191 17.45 -4.66 8.87
C ARG C 191 18.55 -5.37 8.07
N LEU C 192 18.77 -4.97 6.82
CA LEU C 192 19.83 -5.55 6.01
C LEU C 192 21.16 -4.82 6.17
N GLY C 193 21.22 -3.84 7.07
CA GLY C 193 22.47 -3.17 7.39
C GLY C 193 22.68 -1.82 6.73
N PHE C 194 21.75 -1.35 5.92
CA PHE C 194 21.87 -0.01 5.32
C PHE C 194 21.71 1.05 6.40
N LYS C 195 22.31 2.21 6.14
CA LYS C 195 21.77 3.42 6.77
C LYS C 195 20.47 3.81 6.06
N VAL C 196 19.61 4.56 6.75
CA VAL C 196 18.34 4.96 6.16
C VAL C 196 18.05 6.42 6.45
N ALA C 197 17.46 7.11 5.47
CA ALA C 197 17.03 8.49 5.63
C ALA C 197 15.59 8.59 5.16
N PHE C 198 14.72 9.12 6.02
CA PHE C 198 13.32 9.32 5.71
C PHE C 198 13.11 10.73 5.21
N ILE C 199 12.43 10.88 4.07
CA ILE C 199 11.99 12.18 3.58
C ILE C 199 10.49 12.30 3.82
N ALA C 200 10.07 13.20 4.70
CA ALA C 200 8.64 13.39 4.94
C ALA C 200 8.00 14.00 3.69
N ARG C 201 6.96 13.35 3.18
CA ARG C 201 6.22 13.82 2.02
C ARG C 201 4.74 13.96 2.38
N PRO C 202 4.36 15.06 3.05
CA PRO C 202 2.97 15.20 3.52
C PRO C 202 1.94 15.23 2.40
N PHE C 203 2.31 15.70 1.21
CA PHE C 203 1.39 15.85 0.10
C PHE C 203 1.52 14.73 -0.92
N GLU C 204 2.12 13.60 -0.54
CA GLU C 204 2.27 12.48 -1.49
C GLU C 204 0.94 12.08 -2.11
N PHE C 205 -0.17 12.21 -1.38
CA PHE C 205 -1.46 11.78 -1.90
C PHE C 205 -2.42 12.96 -2.05
N GLY C 206 -1.88 14.15 -2.24
CA GLY C 206 -2.72 15.32 -2.41
C GLY C 206 -3.05 16.00 -1.11
N PRO C 207 -3.84 17.07 -1.17
CA PRO C 207 -3.97 17.99 -0.04
C PRO C 207 -4.87 17.53 1.10
N ASN C 208 -5.69 16.48 0.91
CA ASN C 208 -6.72 16.15 1.89
C ASN C 208 -6.54 14.77 2.52
N LYS C 209 -5.39 14.12 2.34
CA LYS C 209 -5.14 12.80 2.86
C LYS C 209 -4.06 12.88 3.93
N LYS C 210 -4.33 12.33 5.11
CA LYS C 210 -3.33 12.23 6.16
C LYS C 210 -2.31 11.16 5.80
N VAL C 211 -1.03 11.44 6.13
CA VAL C 211 0.06 10.55 5.80
C VAL C 211 0.98 10.42 7.02
N ASP C 212 1.58 9.23 7.15
CA ASP C 212 2.45 8.91 8.26
C ASP C 212 3.83 9.50 8.01
N THR C 213 4.11 10.64 8.64
CA THR C 213 5.40 11.29 8.53
C THR C 213 6.14 11.37 9.86
N LYS C 214 5.72 10.59 10.85
CA LYS C 214 6.31 10.75 12.17
C LYS C 214 7.72 10.14 12.22
N PRO C 215 8.60 10.74 13.02
CA PRO C 215 9.96 10.18 13.17
C PRO C 215 9.93 8.78 13.77
N GLU C 216 10.92 7.99 13.38
CA GLU C 216 11.19 6.69 13.98
C GLU C 216 12.60 6.67 14.54
N GLN C 217 12.79 5.96 15.65
CA GLN C 217 14.10 5.94 16.32
C GLN C 217 15.19 5.32 15.47
N TYR C 218 14.83 4.42 14.54
CA TYR C 218 15.84 3.73 13.73
C TYR C 218 16.28 4.50 12.50
N PHE C 219 15.60 5.60 12.14
CA PHE C 219 16.08 6.45 11.06
C PHE C 219 17.45 7.02 11.41
N ASP C 220 18.40 6.91 10.48
CA ASP C 220 19.65 7.63 10.67
C ASP C 220 19.48 9.12 10.43
N TYR C 221 18.62 9.49 9.49
CA TYR C 221 18.31 10.88 9.19
C TYR C 221 16.82 11.01 8.97
N TYR C 222 16.30 12.18 9.32
CA TYR C 222 14.90 12.55 9.09
C TYR C 222 14.92 13.95 8.50
N ALA C 223 14.34 14.11 7.31
CA ALA C 223 14.42 15.39 6.60
C ALA C 223 13.10 15.66 5.89
N ASN C 224 12.84 16.95 5.64
CA ASN C 224 11.61 17.38 4.98
C ASN C 224 11.81 17.63 3.49
N SER C 225 12.98 17.33 2.94
CA SER C 225 13.28 17.58 1.53
C SER C 225 14.64 16.98 1.23
N VAL C 226 14.93 16.79 -0.06
CA VAL C 226 16.26 16.30 -0.43
C VAL C 226 17.30 17.38 -0.18
N VAL C 227 16.92 18.65 -0.36
CA VAL C 227 17.80 19.77 -0.05
C VAL C 227 18.21 19.73 1.41
N GLU C 228 17.24 19.50 2.30
CA GLU C 228 17.56 19.42 3.73
C GLU C 228 18.51 18.27 4.04
N LEU C 229 18.28 17.10 3.42
CA LEU C 229 19.19 15.97 3.65
C LEU C 229 20.61 16.32 3.21
N ALA C 230 20.75 17.01 2.07
CA ALA C 230 22.07 17.44 1.63
C ALA C 230 22.75 18.30 2.68
N GLY C 231 22.01 19.25 3.26
CA GLY C 231 22.60 20.09 4.30
C GLY C 231 23.09 19.29 5.48
N MET C 232 22.27 18.35 5.94
CA MET C 232 22.62 17.50 7.09
C MET C 232 23.84 16.62 6.80
N LEU C 233 24.03 16.24 5.55
CA LEU C 233 25.15 15.39 5.18
C LEU C 233 26.36 16.20 4.74
N GLY C 234 26.31 17.53 4.89
CA GLY C 234 27.45 18.35 4.54
C GLY C 234 27.75 18.43 3.06
N ALA C 235 26.72 18.32 2.22
CA ALA C 235 26.86 18.46 0.77
C ALA C 235 26.44 19.88 0.42
N LEU C 236 27.42 20.78 0.34
CA LEU C 236 27.15 22.19 0.19
C LEU C 236 26.59 22.50 -1.21
N GLU C 237 25.73 23.51 -1.26
CA GLU C 237 25.26 24.08 -2.52
C GLU C 237 26.43 24.72 -3.27
N HIS C 238 26.56 24.42 -4.56
CA HIS C 238 27.57 25.07 -5.39
C HIS C 238 26.93 25.76 -6.59
N GLY D 2 11.56 6.26 -35.21
CA GLY D 2 12.85 6.91 -35.36
C GLY D 2 13.87 6.45 -34.32
N LEU D 3 15.08 7.00 -34.39
CA LEU D 3 16.13 6.64 -33.44
C LEU D 3 15.85 7.25 -32.07
N LYS D 4 15.86 6.42 -31.03
CA LYS D 4 15.44 6.92 -29.72
C LYS D 4 16.49 6.77 -28.63
N ALA D 5 17.38 5.78 -28.72
CA ALA D 5 18.39 5.60 -27.68
C ALA D 5 19.71 5.17 -28.30
N LEU D 6 20.80 5.56 -27.64
CA LEU D 6 22.15 5.22 -28.03
C LEU D 6 22.82 4.46 -26.89
N PHE D 7 23.44 3.33 -27.22
CA PHE D 7 24.13 2.49 -26.25
C PHE D 7 25.62 2.46 -26.59
N PHE D 8 26.46 2.64 -25.57
CA PHE D 8 27.88 2.91 -25.77
C PHE D 8 28.72 1.80 -25.14
N ASN D 9 29.57 1.18 -25.95
CA ASN D 9 30.73 0.49 -25.41
C ASN D 9 31.62 1.50 -24.68
N VAL D 10 32.42 1.03 -23.72
CA VAL D 10 33.18 1.90 -22.83
C VAL D 10 34.69 1.82 -23.10
N GLN D 11 35.31 0.66 -22.86
CA GLN D 11 36.75 0.52 -23.03
C GLN D 11 37.17 0.73 -24.48
N GLY D 12 38.09 1.67 -24.70
CA GLY D 12 38.52 2.05 -26.04
C GLY D 12 37.55 2.97 -26.74
N THR D 13 36.27 2.58 -26.79
CA THR D 13 35.26 3.41 -27.43
C THR D 13 35.20 4.80 -26.80
N LEU D 14 35.09 4.84 -25.48
CA LEU D 14 34.93 6.09 -24.75
C LEU D 14 36.15 6.49 -23.93
N VAL D 15 36.95 5.52 -23.49
CA VAL D 15 38.04 5.78 -22.55
C VAL D 15 39.33 5.16 -23.09
N ASP D 16 40.45 5.79 -22.74
CA ASP D 16 41.78 5.41 -23.22
C ASP D 16 42.46 4.58 -22.12
N PHE D 17 42.20 3.27 -22.13
CA PHE D 17 42.79 2.44 -21.09
C PHE D 17 44.30 2.38 -21.20
N TYR D 18 44.83 2.45 -22.43
CA TYR D 18 46.27 2.34 -22.61
C TYR D 18 47.01 3.44 -21.84
N SER D 19 46.63 4.70 -22.07
CA SER D 19 47.26 5.80 -21.35
C SER D 19 47.03 5.68 -19.85
N THR D 20 45.84 5.23 -19.46
CA THR D 20 45.54 5.09 -18.03
C THR D 20 46.53 4.14 -17.37
N ILE D 21 46.70 2.94 -17.93
CA ILE D 21 47.59 1.97 -17.30
C ILE D 21 49.05 2.37 -17.47
N THR D 22 49.40 2.98 -18.61
CA THR D 22 50.79 3.31 -18.85
C THR D 22 51.25 4.50 -17.99
N ARG D 23 50.51 5.61 -18.05
CA ARG D 23 50.86 6.78 -17.23
C ARG D 23 50.87 6.43 -15.76
N GLU D 24 49.77 5.82 -15.27
CA GLU D 24 49.63 5.55 -13.84
C GLU D 24 50.55 4.43 -13.38
N GLY D 25 50.88 3.48 -14.25
CA GLY D 25 51.85 2.46 -13.89
C GLY D 25 53.22 3.05 -13.59
N GLU D 26 53.65 4.04 -14.38
CA GLU D 26 54.93 4.68 -14.15
C GLU D 26 54.92 5.57 -12.91
N ALA D 27 53.76 6.07 -12.51
CA ALA D 27 53.67 6.88 -11.30
C ALA D 27 53.76 6.02 -10.04
N PHE D 28 52.97 4.95 -9.98
CA PHE D 28 53.04 4.03 -8.85
C PHE D 28 54.35 3.24 -8.83
N SER D 29 55.06 3.17 -9.96
CA SER D 29 56.39 2.58 -9.98
C SER D 29 57.48 3.58 -9.60
N ALA D 30 57.21 4.88 -9.71
CA ALA D 30 58.19 5.87 -9.29
C ALA D 30 58.24 6.00 -7.78
N VAL D 31 57.11 5.78 -7.11
CA VAL D 31 57.09 5.88 -5.65
C VAL D 31 57.66 4.61 -5.00
N ARG D 32 57.44 3.44 -5.62
CA ARG D 32 58.00 2.20 -5.11
C ARG D 32 59.39 1.91 -5.64
N GLY D 33 59.91 2.75 -6.55
CA GLY D 33 61.31 2.75 -6.90
C GLY D 33 61.73 1.83 -8.02
N PHE D 34 60.86 0.91 -8.46
CA PHE D 34 61.24 -0.06 -9.47
C PHE D 34 61.02 0.49 -10.88
N GLN D 35 61.60 -0.19 -11.86
CA GLN D 35 61.60 0.24 -13.24
C GLN D 35 61.10 -0.89 -14.13
N ALA D 36 60.19 -0.57 -15.06
CA ALA D 36 59.61 -1.57 -15.92
C ALA D 36 59.13 -0.92 -17.21
N ASP D 37 59.05 -1.73 -18.27
CA ASP D 37 58.49 -1.29 -19.54
C ASP D 37 56.97 -1.43 -19.45
N TRP D 38 56.26 -0.31 -19.39
CA TRP D 38 54.81 -0.36 -19.20
C TRP D 38 54.04 -0.44 -20.51
N THR D 39 54.65 -0.04 -21.63
CA THR D 39 54.04 -0.19 -22.95
C THR D 39 53.75 -1.64 -23.30
N THR D 40 54.22 -2.60 -22.49
CA THR D 40 53.94 -4.00 -22.74
C THR D 40 53.09 -4.67 -21.66
N VAL D 41 53.14 -4.19 -20.42
CA VAL D 41 52.37 -4.83 -19.35
C VAL D 41 50.88 -4.61 -19.57
N THR D 42 50.49 -3.48 -20.17
CA THR D 42 49.09 -3.28 -20.53
C THR D 42 48.65 -4.33 -21.54
N GLU D 43 49.53 -4.66 -22.48
CA GLU D 43 49.25 -5.74 -23.42
C GLU D 43 49.20 -7.08 -22.69
N GLN D 44 50.13 -7.32 -21.77
CA GLN D 44 50.12 -8.54 -20.96
C GLN D 44 48.85 -8.65 -20.13
N TRP D 45 48.33 -7.52 -19.65
CA TRP D 45 47.20 -7.56 -18.72
C TRP D 45 45.90 -7.91 -19.43
N ARG D 46 45.58 -7.21 -20.52
CA ARG D 46 44.34 -7.53 -21.23
C ARG D 46 44.40 -8.89 -21.91
N ALA D 47 45.60 -9.46 -22.08
CA ALA D 47 45.74 -10.81 -22.60
C ALA D 47 45.18 -11.84 -21.63
N GLU D 48 45.82 -11.96 -20.46
CA GLU D 48 45.42 -12.97 -19.49
C GLU D 48 43.98 -12.75 -19.00
N TYR D 49 43.54 -11.49 -18.92
CA TYR D 49 42.13 -11.23 -18.63
C TYR D 49 41.25 -11.86 -19.70
N ARG D 50 41.46 -11.47 -20.97
CA ARG D 50 40.68 -12.00 -22.06
C ARG D 50 40.83 -13.51 -22.19
N SER D 51 41.93 -14.09 -21.69
CA SER D 51 42.09 -15.54 -21.69
C SER D 51 41.39 -16.20 -20.50
N ARG D 52 41.50 -15.60 -19.31
CA ARG D 52 40.77 -16.11 -18.15
C ARG D 52 39.28 -15.81 -18.24
N LEU D 53 38.88 -14.78 -18.99
CA LEU D 53 37.45 -14.53 -19.18
C LEU D 53 36.85 -15.56 -20.13
N ASP D 54 37.50 -15.81 -21.27
CA ASP D 54 37.03 -16.87 -22.15
C ASP D 54 37.04 -18.22 -21.45
N GLN D 55 37.67 -18.31 -20.27
CA GLN D 55 37.62 -19.51 -19.45
C GLN D 55 36.29 -19.64 -18.70
N VAL D 56 35.67 -18.52 -18.33
CA VAL D 56 34.34 -18.59 -17.73
C VAL D 56 33.25 -18.55 -18.81
N ILE D 57 33.51 -17.91 -19.94
CA ILE D 57 32.62 -18.02 -21.09
C ILE D 57 32.32 -19.49 -21.38
N LYS D 58 33.36 -20.34 -21.31
CA LYS D 58 33.24 -21.75 -21.68
C LYS D 58 32.79 -22.64 -20.52
N GLY D 59 32.33 -22.05 -19.42
CA GLY D 59 31.95 -22.86 -18.27
C GLY D 59 33.08 -23.58 -17.60
N GLU D 60 34.33 -23.38 -18.03
CA GLU D 60 35.50 -24.02 -17.46
C GLU D 60 35.87 -23.46 -16.07
N ARG D 61 35.02 -22.59 -15.48
CA ARG D 61 35.22 -22.00 -14.16
C ARG D 61 33.92 -21.35 -13.71
N PRO D 62 33.78 -20.91 -12.46
CA PRO D 62 32.54 -20.21 -12.07
C PRO D 62 32.62 -18.73 -12.41
N TRP D 63 31.45 -18.16 -12.69
CA TRP D 63 31.41 -16.76 -13.05
C TRP D 63 31.86 -15.91 -11.87
N THR D 64 32.70 -14.92 -12.17
CA THR D 64 33.14 -13.91 -11.22
C THR D 64 33.00 -12.55 -11.86
N THR D 65 33.09 -11.50 -11.04
CA THR D 65 33.08 -10.15 -11.59
C THR D 65 34.31 -9.95 -12.48
N THR D 66 34.16 -9.08 -13.48
CA THR D 66 35.29 -8.81 -14.37
C THR D 66 36.45 -8.21 -13.60
N ASP D 67 36.18 -7.48 -12.52
CA ASP D 67 37.26 -6.90 -11.73
C ASP D 67 38.05 -7.97 -11.00
N ARG D 68 37.41 -9.04 -10.57
CA ARG D 68 38.13 -10.18 -10.00
C ARG D 68 39.11 -10.75 -11.02
N ILE D 69 38.63 -10.99 -12.25
CA ILE D 69 39.49 -11.54 -13.30
C ILE D 69 40.65 -10.61 -13.57
N TYR D 70 40.42 -9.29 -13.48
CA TYR D 70 41.48 -8.34 -13.79
C TYR D 70 42.62 -8.42 -12.79
N ARG D 71 42.31 -8.59 -11.49
CA ARG D 71 43.34 -8.59 -10.46
C ARG D 71 44.09 -9.91 -10.41
N GLU D 72 43.41 -11.03 -10.57
CA GLU D 72 44.11 -12.31 -10.59
C GLU D 72 44.89 -12.47 -11.89
N ALA D 73 44.36 -11.95 -13.00
CA ALA D 73 45.18 -11.84 -14.20
C ALA D 73 46.44 -11.03 -13.92
N LEU D 74 46.29 -9.95 -13.15
CA LEU D 74 47.47 -9.17 -12.74
C LEU D 74 48.50 -10.06 -12.06
N ASP D 75 48.10 -10.77 -11.00
CA ASP D 75 49.00 -11.70 -10.33
C ASP D 75 49.53 -12.75 -11.28
N GLY D 76 48.75 -13.11 -12.30
CA GLY D 76 49.21 -14.10 -13.26
C GLY D 76 50.51 -13.72 -13.95
N ILE D 77 50.56 -12.51 -14.53
CA ILE D 77 51.79 -12.09 -15.21
C ILE D 77 52.68 -11.24 -14.32
N LEU D 78 52.21 -10.81 -13.14
CA LEU D 78 53.14 -10.26 -12.15
C LEU D 78 54.22 -11.27 -11.79
N ALA D 79 53.87 -12.56 -11.79
CA ALA D 79 54.84 -13.63 -11.60
C ALA D 79 55.75 -13.82 -12.80
N ASN D 80 55.57 -13.05 -13.88
CA ASN D 80 56.43 -13.13 -15.05
C ASN D 80 57.51 -12.04 -15.06
N HIS D 81 57.69 -11.33 -13.95
CA HIS D 81 58.73 -10.30 -13.86
C HIS D 81 59.17 -10.16 -12.41
N PRO D 82 60.46 -9.90 -12.16
CA PRO D 82 60.96 -9.94 -10.77
C PRO D 82 60.32 -8.92 -9.85
N TRP D 83 60.06 -7.70 -10.35
CA TRP D 83 59.51 -6.66 -9.50
C TRP D 83 58.09 -6.96 -9.05
N GLY D 84 57.45 -7.98 -9.61
CA GLY D 84 56.07 -8.28 -9.24
C GLY D 84 55.92 -8.78 -7.81
N ALA D 85 56.94 -9.50 -7.31
CA ALA D 85 56.91 -9.98 -5.94
C ALA D 85 57.10 -8.86 -4.92
N SER D 86 57.49 -7.67 -5.37
CA SER D 86 57.67 -6.51 -4.50
C SER D 86 56.40 -5.70 -4.32
N LEU D 87 55.24 -6.28 -4.63
CA LEU D 87 53.95 -5.60 -4.55
C LEU D 87 53.06 -6.38 -3.60
N ASN D 88 52.81 -5.81 -2.41
CA ASN D 88 51.91 -6.44 -1.46
C ASN D 88 50.47 -6.32 -1.97
N SER D 89 49.53 -6.91 -1.22
CA SER D 89 48.14 -6.89 -1.64
C SER D 89 47.63 -5.46 -1.80
N ALA D 90 48.16 -4.51 -1.02
CA ALA D 90 47.79 -3.12 -1.19
C ALA D 90 48.24 -2.59 -2.54
N ASP D 91 49.46 -2.92 -2.96
CA ASP D 91 49.96 -2.51 -4.27
C ASP D 91 49.17 -3.18 -5.39
N ARG D 92 49.05 -4.51 -5.33
CA ARG D 92 48.24 -5.22 -6.32
C ARG D 92 46.82 -4.70 -6.37
N ASP D 93 46.27 -4.25 -5.23
CA ASP D 93 44.91 -3.76 -5.16
C ASP D 93 44.73 -2.44 -5.90
N GLU D 94 45.48 -1.42 -5.51
CA GLU D 94 45.29 -0.10 -6.10
C GLU D 94 45.79 -0.02 -7.53
N LEU D 95 46.68 -0.94 -7.93
CA LEU D 95 47.02 -1.03 -9.34
C LEU D 95 45.85 -1.56 -10.15
N ASN D 96 45.12 -2.54 -9.62
CA ASN D 96 43.95 -3.07 -10.31
C ASN D 96 42.78 -2.09 -10.30
N SER D 97 42.78 -1.11 -9.40
CA SER D 97 41.68 -0.15 -9.37
C SER D 97 41.68 0.79 -10.57
N LEU D 98 42.77 0.85 -11.34
CA LEU D 98 42.82 1.73 -12.50
C LEU D 98 41.75 1.38 -13.53
N TRP D 99 41.28 0.13 -13.55
CA TRP D 99 40.25 -0.26 -14.51
C TRP D 99 38.89 0.34 -14.19
N SER D 100 38.73 0.95 -13.03
CA SER D 100 37.57 1.77 -12.72
C SER D 100 37.90 3.26 -12.76
N LYS D 101 39.06 3.63 -13.31
CA LYS D 101 39.50 5.01 -13.35
C LYS D 101 39.92 5.42 -14.76
N LEU D 102 39.50 4.66 -15.77
CA LEU D 102 39.96 4.89 -17.14
C LEU D 102 39.61 6.30 -17.61
N ILE D 103 40.61 6.98 -18.15
CA ILE D 103 40.47 8.39 -18.54
C ILE D 103 39.74 8.48 -19.88
N PRO D 104 38.72 9.33 -19.99
CA PRO D 104 38.02 9.50 -21.27
C PRO D 104 38.91 10.14 -22.33
N TRP D 105 38.57 9.85 -23.60
CA TRP D 105 39.09 10.66 -24.70
C TRP D 105 38.53 12.06 -24.61
N ASP D 106 39.31 13.03 -25.13
CA ASP D 106 38.90 14.44 -25.09
C ASP D 106 37.51 14.65 -25.67
N ASP D 107 37.13 13.87 -26.68
CA ASP D 107 35.88 14.10 -27.37
C ASP D 107 34.68 13.45 -26.68
N THR D 108 34.92 12.61 -25.67
CA THR D 108 33.86 11.74 -25.16
C THR D 108 32.83 12.53 -24.36
N ALA D 109 33.27 13.24 -23.33
CA ALA D 109 32.32 14.00 -22.50
C ALA D 109 31.51 15.01 -23.29
N PRO D 110 32.09 15.90 -24.11
CA PRO D 110 31.24 16.85 -24.84
C PRO D 110 30.30 16.18 -25.82
N GLY D 111 30.76 15.14 -26.53
CA GLY D 111 29.87 14.45 -27.45
C GLY D 111 28.73 13.76 -26.74
N LEU D 112 29.01 13.10 -25.62
CA LEU D 112 27.97 12.45 -24.84
C LEU D 112 26.92 13.45 -24.38
N ALA D 113 27.36 14.64 -23.94
CA ALA D 113 26.39 15.62 -23.49
C ALA D 113 25.53 16.12 -24.65
N ARG D 114 26.14 16.32 -25.82
CA ARG D 114 25.34 16.75 -26.96
C ARG D 114 24.37 15.65 -27.38
N LEU D 115 24.80 14.40 -27.32
CA LEU D 115 23.93 13.31 -27.73
C LEU D 115 22.77 13.13 -26.77
N ARG D 116 23.01 13.32 -25.47
CA ARG D 116 21.97 13.12 -24.47
C ARG D 116 20.88 14.18 -24.56
N SER D 117 21.19 15.35 -25.11
CA SER D 117 20.18 16.38 -25.28
C SER D 117 19.14 16.01 -26.32
N LYS D 118 19.42 15.00 -27.16
CA LYS D 118 18.53 14.59 -28.22
C LYS D 118 18.04 13.15 -28.10
N TYR D 119 18.82 12.27 -27.47
CA TYR D 119 18.45 10.86 -27.34
C TYR D 119 18.58 10.41 -25.89
N ILE D 120 17.98 9.26 -25.61
CA ILE D 120 18.30 8.50 -24.41
C ILE D 120 19.67 7.86 -24.58
N THR D 121 20.54 8.01 -23.59
CA THR D 121 21.87 7.46 -23.67
C THR D 121 22.16 6.58 -22.47
N SER D 122 22.96 5.54 -22.72
CA SER D 122 23.30 4.55 -21.72
C SER D 122 24.58 3.88 -22.17
N THR D 123 25.35 3.38 -21.21
CA THR D 123 26.41 2.44 -21.55
C THR D 123 25.83 1.07 -21.88
N LEU D 124 26.62 0.28 -22.60
CA LEU D 124 26.38 -1.15 -22.75
C LEU D 124 27.71 -1.81 -23.01
N SER D 125 28.44 -2.15 -21.96
CA SER D 125 29.77 -2.72 -22.06
C SER D 125 29.81 -4.03 -21.27
N ASN D 126 30.96 -4.71 -21.35
CA ASN D 126 31.08 -6.02 -20.73
C ASN D 126 31.58 -5.96 -19.28
N GLY D 127 32.15 -4.85 -18.85
CA GLY D 127 32.71 -4.79 -17.51
C GLY D 127 31.67 -4.81 -16.41
N SER D 128 32.16 -4.66 -15.19
CA SER D 128 31.29 -4.65 -14.03
C SER D 128 30.50 -3.35 -13.97
N MET D 129 29.27 -3.44 -13.43
CA MET D 129 28.49 -2.24 -13.20
C MET D 129 29.28 -1.24 -12.36
N ALA D 130 29.99 -1.74 -11.35
CA ALA D 130 30.65 -0.85 -10.39
C ALA D 130 31.77 -0.06 -11.04
N SER D 131 32.52 -0.68 -11.95
CA SER D 131 33.63 0.02 -12.58
C SER D 131 33.14 1.02 -13.62
N VAL D 132 32.13 0.65 -14.41
CA VAL D 132 31.61 1.57 -15.42
C VAL D 132 30.91 2.75 -14.75
N LEU D 133 30.19 2.49 -13.66
CA LEU D 133 29.61 3.58 -12.89
C LEU D 133 30.67 4.57 -12.45
N ARG D 134 31.78 4.05 -11.88
CA ARG D 134 32.83 4.91 -11.36
C ARG D 134 33.62 5.59 -12.48
N ILE D 135 33.89 4.86 -13.57
CA ILE D 135 34.56 5.47 -14.71
C ILE D 135 33.79 6.70 -15.16
N SER D 136 32.47 6.57 -15.28
CA SER D 136 31.64 7.67 -15.78
C SER D 136 31.56 8.80 -14.76
N LYS D 137 31.45 8.46 -13.47
CA LYS D 137 31.40 9.50 -12.44
C LYS D 137 32.72 10.25 -12.38
N LEU D 138 33.84 9.52 -12.28
CA LEU D 138 35.14 10.18 -12.23
C LEU D 138 35.41 10.98 -13.51
N GLY D 139 35.03 10.44 -14.65
CA GLY D 139 35.25 11.15 -15.90
C GLY D 139 34.22 12.20 -16.24
N ALA D 140 33.21 12.39 -15.40
CA ALA D 140 32.08 13.28 -15.68
C ALA D 140 31.45 12.97 -17.03
N LEU D 141 31.26 11.69 -17.30
CA LEU D 141 30.56 11.27 -18.50
C LEU D 141 29.05 11.21 -18.21
N PRO D 142 28.24 12.02 -18.89
CA PRO D 142 26.80 12.00 -18.61
C PRO D 142 26.11 10.86 -19.35
N PHE D 143 25.24 10.15 -18.64
CA PHE D 143 24.39 9.12 -19.22
C PHE D 143 23.01 9.17 -18.58
N ASP D 144 22.00 8.74 -19.32
CA ASP D 144 20.70 8.54 -18.67
C ASP D 144 20.68 7.24 -17.87
N ALA D 145 21.48 6.25 -18.26
CA ALA D 145 21.55 4.97 -17.56
C ALA D 145 22.95 4.39 -17.68
N ILE D 146 23.28 3.51 -16.73
CA ILE D 146 24.49 2.70 -16.76
C ILE D 146 24.06 1.24 -16.87
N LEU D 147 24.37 0.61 -18.00
CA LEU D 147 24.10 -0.81 -18.20
C LEU D 147 25.38 -1.52 -18.58
N THR D 148 25.57 -2.73 -18.05
CA THR D 148 26.65 -3.60 -18.49
C THR D 148 26.14 -5.02 -18.57
N ALA D 149 26.89 -5.85 -19.29
CA ALA D 149 26.53 -7.25 -19.43
C ALA D 149 26.49 -7.98 -18.09
N GLU D 150 27.05 -7.40 -17.04
CA GLU D 150 26.98 -8.04 -15.72
C GLU D 150 25.54 -8.26 -15.27
N LEU D 151 24.62 -7.36 -15.69
CA LEU D 151 23.22 -7.46 -15.29
C LEU D 151 22.55 -8.73 -15.80
N VAL D 152 23.09 -9.35 -16.84
CA VAL D 152 22.63 -10.67 -17.28
C VAL D 152 23.74 -11.71 -17.19
N ARG D 153 24.82 -11.41 -16.46
CA ARG D 153 25.90 -12.36 -16.19
C ARG D 153 26.47 -12.97 -17.47
N SER D 154 26.70 -12.14 -18.48
CA SER D 154 27.25 -12.61 -19.74
C SER D 154 28.17 -11.53 -20.29
N SER D 155 28.33 -11.52 -21.61
CA SER D 155 29.27 -10.65 -22.31
C SER D 155 28.81 -10.51 -23.74
N LYS D 156 28.92 -9.30 -24.28
CA LYS D 156 28.76 -9.14 -25.71
C LYS D 156 29.73 -10.09 -26.44
N PRO D 157 29.32 -10.68 -27.57
CA PRO D 157 28.11 -10.41 -28.35
C PRO D 157 26.90 -11.27 -28.01
N ASP D 158 26.77 -11.75 -26.79
CA ASP D 158 25.58 -12.50 -26.39
C ASP D 158 24.34 -11.67 -26.70
N PRO D 159 23.40 -12.20 -27.49
CA PRO D 159 22.19 -11.43 -27.81
C PRO D 159 21.40 -10.97 -26.60
N LYS D 160 21.53 -11.63 -25.45
CA LYS D 160 20.78 -11.18 -24.28
C LYS D 160 21.30 -9.88 -23.72
N VAL D 161 22.57 -9.54 -23.98
CA VAL D 161 23.10 -8.26 -23.52
C VAL D 161 22.45 -7.12 -24.30
N TYR D 162 22.32 -7.28 -25.61
CA TYR D 162 21.65 -6.27 -26.41
C TYR D 162 20.16 -6.22 -26.09
N GLN D 163 19.56 -7.39 -25.83
CA GLN D 163 18.16 -7.41 -25.44
C GLN D 163 17.95 -6.72 -24.09
N LEU D 164 18.90 -6.89 -23.16
CA LEU D 164 18.83 -6.16 -21.89
C LEU D 164 18.73 -4.66 -22.14
N ALA D 165 19.45 -4.15 -23.14
CA ALA D 165 19.41 -2.72 -23.44
C ALA D 165 18.04 -2.30 -23.94
N LEU D 166 17.45 -3.07 -24.85
CA LEU D 166 16.12 -2.76 -25.36
C LEU D 166 15.07 -2.86 -24.28
N ASP D 167 15.16 -3.89 -23.43
CA ASP D 167 14.18 -4.08 -22.36
C ASP D 167 14.28 -2.98 -21.31
N SER D 168 15.50 -2.58 -20.96
CA SER D 168 15.67 -1.59 -19.90
C SER D 168 15.18 -0.22 -20.33
N VAL D 169 15.40 0.14 -21.59
CA VAL D 169 15.02 1.45 -22.11
C VAL D 169 13.60 1.44 -22.69
N GLY D 170 13.05 0.28 -22.99
CA GLY D 170 11.67 0.20 -23.44
C GLY D 170 11.46 0.52 -24.91
N ILE D 171 12.42 0.18 -25.77
CA ILE D 171 12.36 0.49 -27.20
C ILE D 171 12.60 -0.78 -28.00
N GLU D 172 12.41 -0.68 -29.31
CA GLU D 172 12.68 -1.76 -30.24
C GLU D 172 14.03 -1.57 -30.92
N ALA D 173 14.55 -2.66 -31.51
CA ALA D 173 15.91 -2.67 -32.02
C ALA D 173 16.15 -1.55 -33.03
N HIS D 174 15.19 -1.32 -33.94
CA HIS D 174 15.38 -0.30 -34.96
C HIS D 174 15.39 1.11 -34.37
N GLN D 175 14.96 1.30 -33.13
CA GLN D 175 15.03 2.58 -32.46
C GLN D 175 16.31 2.73 -31.63
N ALA D 176 17.16 1.72 -31.60
CA ALA D 176 18.39 1.74 -30.82
C ALA D 176 19.59 1.82 -31.74
N MET D 177 20.65 2.45 -31.23
CA MET D 177 21.93 2.50 -31.92
C MET D 177 23.04 2.02 -31.00
N MET D 178 23.85 1.09 -31.51
CA MET D 178 25.03 0.61 -30.80
C MET D 178 26.26 1.39 -31.28
N VAL D 179 27.05 1.90 -30.34
CA VAL D 179 28.19 2.76 -30.62
C VAL D 179 29.44 2.12 -30.02
N ALA D 180 30.42 1.81 -30.88
CA ALA D 180 31.62 1.12 -30.40
C ALA D 180 32.75 1.32 -31.41
N CYS D 181 33.98 1.13 -30.91
CA CYS D 181 35.16 1.07 -31.76
C CYS D 181 35.58 -0.36 -32.06
N HIS D 182 34.69 -1.33 -31.81
CA HIS D 182 34.98 -2.74 -32.00
C HIS D 182 33.95 -3.33 -32.95
N LYS D 183 34.42 -3.92 -34.05
CA LYS D 183 33.50 -4.33 -35.11
C LYS D 183 32.65 -5.52 -34.68
N TYR D 184 33.22 -6.46 -33.91
CA TYR D 184 32.44 -7.62 -33.50
C TYR D 184 31.15 -7.19 -32.81
N ASP D 185 31.22 -6.10 -32.03
CA ASP D 185 30.08 -5.59 -31.28
C ASP D 185 29.02 -5.04 -32.21
N LEU D 186 29.44 -4.19 -33.16
CA LEU D 186 28.50 -3.60 -34.11
C LEU D 186 27.93 -4.64 -35.06
N GLN D 187 28.72 -5.67 -35.39
CA GLN D 187 28.17 -6.79 -36.16
C GLN D 187 26.98 -7.41 -35.45
N ALA D 188 27.17 -7.76 -34.16
CA ALA D 188 26.11 -8.47 -33.43
C ALA D 188 24.88 -7.60 -33.28
N ALA D 189 25.06 -6.32 -32.94
CA ALA D 189 23.93 -5.42 -32.81
C ALA D 189 23.24 -5.18 -34.16
N LYS D 190 24.03 -5.07 -35.24
CA LYS D 190 23.45 -4.82 -36.56
C LYS D 190 22.49 -5.93 -36.96
N ARG D 191 22.87 -7.18 -36.78
CA ARG D 191 22.00 -8.27 -37.22
C ARG D 191 20.88 -8.55 -36.23
N LEU D 192 20.90 -7.92 -35.05
CA LEU D 192 19.76 -7.93 -34.14
C LEU D 192 18.79 -6.78 -34.40
N GLY D 193 19.05 -5.96 -35.42
CA GLY D 193 18.14 -4.89 -35.80
C GLY D 193 18.55 -3.50 -35.33
N PHE D 194 19.63 -3.37 -34.57
CA PHE D 194 20.14 -2.08 -34.14
C PHE D 194 20.74 -1.30 -35.31
N LYS D 195 20.64 0.02 -35.26
CA LYS D 195 21.56 0.87 -35.99
C LYS D 195 22.92 0.82 -35.29
N VAL D 196 23.99 1.06 -36.05
CA VAL D 196 25.34 0.98 -35.49
C VAL D 196 26.17 2.16 -35.96
N ALA D 197 27.03 2.65 -35.05
CA ALA D 197 27.94 3.74 -35.31
C ALA D 197 29.33 3.31 -34.87
N PHE D 198 30.28 3.31 -35.81
CA PHE D 198 31.67 2.99 -35.52
C PHE D 198 32.43 4.27 -35.21
N ILE D 199 33.18 4.24 -34.11
CA ILE D 199 34.10 5.31 -33.73
C ILE D 199 35.50 4.78 -33.95
N ALA D 200 36.20 5.31 -34.93
CA ALA D 200 37.59 4.91 -35.14
C ALA D 200 38.43 5.37 -33.96
N ARG D 201 39.10 4.43 -33.29
CA ARG D 201 40.01 4.74 -32.19
C ARG D 201 41.41 4.28 -32.60
N PRO D 202 42.11 5.08 -33.42
CA PRO D 202 43.44 4.66 -33.90
C PRO D 202 44.46 4.46 -32.80
N PHE D 203 44.23 4.97 -31.60
CA PHE D 203 45.25 4.88 -30.54
C PHE D 203 44.78 4.04 -29.37
N GLU D 204 43.81 3.15 -29.59
CA GLU D 204 43.28 2.31 -28.51
C GLU D 204 44.38 1.48 -27.85
N PHE D 205 45.40 1.07 -28.59
CA PHE D 205 46.46 0.21 -28.09
C PHE D 205 47.82 0.91 -28.17
N GLY D 206 47.86 2.21 -27.90
CA GLY D 206 49.10 2.93 -27.84
C GLY D 206 49.48 3.53 -29.18
N PRO D 207 50.64 4.19 -29.22
CA PRO D 207 51.01 4.96 -30.42
C PRO D 207 51.66 4.16 -31.53
N ASN D 208 52.02 2.89 -31.31
CA ASN D 208 52.76 2.12 -32.31
C ASN D 208 52.16 0.74 -32.57
N LYS D 209 50.86 0.56 -32.35
CA LYS D 209 50.23 -0.74 -32.52
C LYS D 209 49.32 -0.72 -33.74
N LYS D 210 48.87 -1.91 -34.13
CA LYS D 210 47.98 -2.12 -35.26
C LYS D 210 46.54 -2.25 -34.79
N VAL D 211 45.61 -1.63 -35.51
CA VAL D 211 44.18 -1.77 -35.21
C VAL D 211 43.37 -1.43 -36.46
N ASP D 212 42.19 -2.01 -36.55
CA ASP D 212 41.36 -1.96 -37.75
C ASP D 212 40.34 -0.83 -37.62
N THR D 213 40.55 0.26 -38.36
CA THR D 213 39.64 1.39 -38.40
C THR D 213 39.03 1.60 -39.78
N LYS D 214 39.11 0.60 -40.65
CA LYS D 214 38.57 0.73 -41.99
C LYS D 214 37.04 0.80 -41.94
N PRO D 215 36.41 1.62 -42.78
CA PRO D 215 34.95 1.66 -42.82
C PRO D 215 34.39 0.33 -43.29
N GLU D 216 33.17 0.05 -42.86
CA GLU D 216 32.45 -1.17 -43.22
C GLU D 216 31.14 -0.81 -43.90
N GLN D 217 30.69 -1.70 -44.78
CA GLN D 217 29.48 -1.47 -45.56
C GLN D 217 28.26 -1.31 -44.65
N TYR D 218 28.19 -2.08 -43.57
CA TYR D 218 27.02 -2.13 -42.71
C TYR D 218 27.00 -1.04 -41.63
N PHE D 219 28.00 -0.17 -41.58
CA PHE D 219 27.97 0.94 -40.61
C PHE D 219 26.93 1.96 -41.04
N ASP D 220 26.00 2.28 -40.14
CA ASP D 220 25.11 3.41 -40.41
C ASP D 220 25.86 4.73 -40.28
N TYR D 221 26.81 4.81 -39.36
CA TYR D 221 27.66 5.98 -39.22
C TYR D 221 29.09 5.55 -38.97
N TYR D 222 30.01 6.28 -39.58
CA TYR D 222 31.44 6.15 -39.35
C TYR D 222 31.95 7.49 -38.85
N ALA D 223 32.53 7.51 -37.65
CA ALA D 223 32.98 8.76 -37.05
C ALA D 223 34.36 8.61 -36.45
N ASN D 224 35.07 9.75 -36.35
CA ASN D 224 36.36 9.81 -35.69
C ASN D 224 36.28 10.31 -34.26
N SER D 225 35.08 10.61 -33.76
CA SER D 225 34.91 11.06 -32.38
C SER D 225 33.42 11.05 -32.04
N VAL D 226 33.14 11.04 -30.74
CA VAL D 226 31.75 11.16 -30.30
C VAL D 226 31.18 12.51 -30.70
N VAL D 227 32.01 13.55 -30.76
CA VAL D 227 31.53 14.85 -31.19
C VAL D 227 31.10 14.79 -32.65
N GLU D 228 31.94 14.19 -33.50
CA GLU D 228 31.57 14.01 -34.91
C GLU D 228 30.24 13.26 -35.03
N LEU D 229 30.08 12.19 -34.27
CA LEU D 229 28.81 11.46 -34.28
C LEU D 229 27.65 12.37 -33.93
N ALA D 230 27.82 13.20 -32.90
CA ALA D 230 26.75 14.11 -32.51
C ALA D 230 26.41 15.06 -33.66
N GLY D 231 27.41 15.51 -34.41
CA GLY D 231 27.14 16.30 -35.59
C GLY D 231 26.37 15.50 -36.62
N MET D 232 26.79 14.27 -36.90
CA MET D 232 26.14 13.46 -37.92
C MET D 232 24.67 13.20 -37.59
N LEU D 233 24.33 13.15 -36.31
CA LEU D 233 22.95 12.88 -35.88
C LEU D 233 22.15 14.15 -35.61
N GLY D 234 22.67 15.32 -35.99
CA GLY D 234 21.94 16.54 -35.75
C GLY D 234 21.78 16.92 -34.30
N ALA D 235 22.57 16.33 -33.41
CA ALA D 235 22.62 16.74 -32.01
C ALA D 235 23.40 18.01 -31.78
N LEU D 236 23.94 18.61 -32.84
CA LEU D 236 24.75 19.81 -32.76
C LEU D 236 24.05 21.01 -33.40
O1 TLA E . -31.88 11.29 6.34
O11 TLA E . -32.69 9.33 6.90
C1 TLA E . -31.78 10.20 6.93
C2 TLA E . -30.51 9.92 7.73
O2 TLA E . -30.54 8.57 8.13
C3 TLA E . -30.49 10.78 8.98
O3 TLA E . -31.69 10.71 9.70
C4 TLA E . -29.39 10.16 9.84
O4 TLA E . -29.68 9.50 10.87
O41 TLA E . -28.21 10.30 9.48
C1 GOL F . -22.31 12.22 11.00
O1 GOL F . -21.48 13.34 10.87
C2 GOL F . -23.84 12.53 11.39
O2 GOL F . -24.02 13.19 12.58
C3 GOL F . -24.54 11.12 11.42
O3 GOL F . -24.96 10.80 12.70
C1 GOL G . -21.88 10.15 2.43
O1 GOL G . -20.62 9.92 3.02
C2 GOL G . -22.08 9.12 1.27
O2 GOL G . -22.12 7.78 1.74
C3 GOL G . -23.36 9.60 0.52
O3 GOL G . -23.82 8.62 -0.36
C1 GOL H . -33.68 14.44 26.79
O1 GOL H . -33.98 14.42 28.20
C2 GOL H . -34.24 15.76 26.12
O2 GOL H . -33.54 16.90 26.51
C3 GOL H . -34.13 15.52 24.57
O3 GOL H . -34.69 16.65 23.93
CA CA I . -23.70 -2.87 21.13
O1 TLA J . -13.23 -15.01 15.42
O11 TLA J . -13.86 -15.80 13.44
C1 TLA J . -13.02 -15.70 14.37
C2 TLA J . -11.69 -16.41 14.18
O2 TLA J . -10.95 -16.36 15.38
C3 TLA J . -10.96 -15.68 13.05
O3 TLA J . -11.17 -14.30 13.20
C4 TLA J . -9.48 -16.01 13.11
O4 TLA J . -8.61 -15.11 13.36
O41 TLA J . -9.14 -17.19 12.90
C1 GOL K . -12.46 -25.85 27.83
O1 GOL K . -12.01 -27.17 28.06
C2 GOL K . -12.75 -25.25 29.23
O2 GOL K . -11.83 -24.31 29.66
C3 GOL K . -14.25 -24.85 29.30
O3 GOL K . -14.36 -23.46 29.22
C1 GOL L . -18.62 -17.43 13.77
O1 GOL L . -18.31 -18.52 14.65
C2 GOL L . -18.07 -17.75 12.29
O2 GOL L . -17.87 -19.08 12.05
C3 GOL L . -19.14 -17.23 11.34
O3 GOL L . -20.11 -18.19 11.30
O1 TLA M . 9.15 4.45 -6.86
O11 TLA M . 8.10 2.81 -7.83
C1 TLA M . 8.31 3.51 -6.81
C2 TLA M . 7.58 3.18 -5.52
O2 TLA M . 7.77 4.20 -4.55
C3 TLA M . 8.12 1.85 -5.00
O3 TLA M . 9.52 1.88 -4.98
C4 TLA M . 7.57 1.58 -3.61
O4 TLA M . 8.32 1.70 -2.61
O41 TLA M . 6.36 1.24 -3.46
CA CA N . 23.27 9.45 -15.07
O1 TLA O . 34.00 -1.65 -22.42
O11 TLA O . 34.29 -3.35 -21.07
C1 TLA O . 34.36 -2.85 -22.22
C2 TLA O . 34.90 -3.69 -23.39
O2 TLA O . 35.17 -2.78 -24.44
C3 TLA O . 33.86 -4.70 -23.86
O3 TLA O . 32.60 -4.09 -23.85
C4 TLA O . 34.20 -5.20 -25.26
O4 TLA O . 33.42 -5.05 -26.24
O41 TLA O . 35.32 -5.75 -25.45
#